data_6I85
#
_entry.id   6I85
#
_cell.length_a   1.00
_cell.length_b   1.00
_cell.length_c   1.00
_cell.angle_alpha   90.00
_cell.angle_beta   90.00
_cell.angle_gamma   90.00
#
_symmetry.space_group_name_H-M   'P 1'
#
loop_
_entity.id
_entity.type
_entity.pdbx_description
1 polymer 'Influenza A nucleoprotein'
2 polymer Nucleoprotein
#
loop_
_entity_poly.entity_id
_entity_poly.type
_entity_poly.pdbx_seq_one_letter_code
_entity_poly.pdbx_strand_id
1 'polypeptide(L)'
;NATEIRASVGKMIDGIGRFYIQMCTELKLSDYEGRLIQNSLTIERMVLSAFDTGGPIYRRVDGKWRRELILYDKEEIRRI
WRQANNGDDATAGLTHMMIWHSNLNDATYQRTRALVRTGMDPRMCSLMQGSTLPRRSGAAGAAVKGVGTMVMELIRMIKR
GINRRTRIAYERMCNILKGKFQTAAQRTMVDQVRESRNPGNAEFEDLIFLARSALILRGSVAHKSCLPACVYGSAVASGY
DFEREGYSLVGIDPFRLLQNSQVYSLIRPNENPAHKSQLVWMACHSAAFEDLRVSSFIRGTKVVPRGKLSTRGVQIASNE
NMETMESSTLELRSRYWAIRTRSGGNTSDMRTEIIRLMESARPEDVSFQGRGVFELSDEKATSPIVPSFDMSNEGSYFF
;
A,C
2 'polypeptide(L)' SSGQISIQPTFSVQRNLPFDRPTIMAA B,D
#
# COMPACT_ATOMS: atom_id res chain seq x y z
N ASN A 1 19.98 -17.53 -0.11
CA ASN A 1 20.00 -16.98 1.28
C ASN A 1 19.47 -15.54 1.38
N ALA A 2 18.16 -15.51 1.60
CA ALA A 2 17.38 -14.29 1.74
C ALA A 2 17.39 -13.74 3.18
N THR A 3 18.34 -14.17 4.00
CA THR A 3 18.33 -13.71 5.37
C THR A 3 19.21 -12.48 5.53
N GLU A 4 20.51 -12.66 5.37
CA GLU A 4 21.44 -11.56 5.55
C GLU A 4 21.20 -10.56 4.44
N ILE A 5 21.56 -10.96 3.21
CA ILE A 5 21.48 -10.09 2.04
C ILE A 5 20.16 -9.30 1.96
N ARG A 6 19.01 -9.95 2.12
CA ARG A 6 17.75 -9.22 1.95
C ARG A 6 17.36 -8.37 3.15
N ALA A 7 17.80 -8.78 4.32
CA ALA A 7 17.34 -8.13 5.53
C ALA A 7 18.40 -7.18 6.07
N SER A 8 19.66 -7.47 5.81
CA SER A 8 20.73 -6.58 6.25
C SER A 8 20.73 -5.29 5.43
N VAL A 9 20.18 -5.38 4.23
CA VAL A 9 20.25 -4.22 3.37
C VAL A 9 18.97 -3.44 3.64
N GLY A 10 17.99 -4.17 4.17
CA GLY A 10 16.79 -3.55 4.68
C GLY A 10 17.10 -2.66 5.88
N LYS A 11 18.06 -3.10 6.65
CA LYS A 11 18.41 -2.41 7.84
C LYS A 11 19.16 -1.17 7.45
N MET A 12 19.83 -1.23 6.32
CA MET A 12 20.55 -0.03 5.94
C MET A 12 19.59 0.96 5.32
N ILE A 13 18.47 0.45 4.79
CA ILE A 13 17.48 1.30 4.20
C ILE A 13 16.67 1.98 5.29
N ASP A 14 16.34 1.25 6.36
CA ASP A 14 15.65 1.77 7.55
C ASP A 14 16.43 2.94 8.08
N GLY A 15 17.75 2.85 8.05
CA GLY A 15 18.51 3.92 8.67
C GLY A 15 18.27 5.21 7.91
N ILE A 16 18.34 5.12 6.59
CA ILE A 16 18.26 6.31 5.77
C ILE A 16 16.88 6.91 6.02
N GLY A 17 15.86 6.03 6.05
CA GLY A 17 14.49 6.46 6.28
C GLY A 17 14.39 7.22 7.59
N ARG A 18 14.45 6.49 8.69
CA ARG A 18 14.50 7.06 10.02
C ARG A 18 15.27 8.37 10.07
N PHE A 19 16.52 8.38 9.59
CA PHE A 19 17.28 9.61 9.61
C PHE A 19 16.52 10.78 8.86
N TYR A 20 16.18 10.57 7.60
CA TYR A 20 15.44 11.53 6.86
C TYR A 20 14.25 12.07 7.61
N ILE A 21 13.52 11.20 8.31
CA ILE A 21 12.39 11.62 9.09
C ILE A 21 12.85 12.56 10.23
N GLN A 22 13.89 12.15 10.95
CA GLN A 22 14.43 12.97 12.07
C GLN A 22 14.85 14.31 11.59
N MET A 23 15.63 14.27 10.56
CA MET A 23 16.11 15.48 9.95
C MET A 23 14.99 16.35 9.40
N CYS A 24 13.94 15.75 8.88
CA CYS A 24 12.83 16.60 8.52
C CYS A 24 12.21 17.21 9.75
N THR A 25 12.11 16.42 10.80
CA THR A 25 11.49 16.94 12.03
C THR A 25 12.28 18.14 12.62
N GLU A 26 13.58 18.23 12.34
CA GLU A 26 14.38 19.34 12.82
C GLU A 26 14.03 20.56 12.00
N LEU A 27 14.18 20.43 10.70
CA LEU A 27 13.90 21.56 9.84
C LEU A 27 12.44 22.00 9.95
N LYS A 28 11.65 21.25 10.69
CA LYS A 28 10.24 21.57 10.86
C LYS A 28 9.58 21.71 9.50
N LEU A 29 10.02 20.95 8.49
CA LEU A 29 9.29 20.87 7.19
C LEU A 29 7.92 20.17 7.24
N SER A 30 7.11 20.44 6.21
CA SER A 30 5.79 19.83 6.08
C SER A 30 5.88 18.52 5.32
N ASP A 31 4.73 17.86 5.16
CA ASP A 31 4.70 16.63 4.37
C ASP A 31 5.02 16.94 2.94
N TYR A 32 4.37 17.91 2.35
CA TYR A 32 4.66 18.25 0.98
C TYR A 32 6.09 18.70 0.87
N GLU A 33 6.58 19.32 1.91
CA GLU A 33 7.93 19.88 1.85
C GLU A 33 9.00 18.86 2.19
N GLY A 34 8.60 17.67 2.57
CA GLY A 34 9.57 16.63 2.86
C GLY A 34 9.64 15.71 1.67
N ARG A 35 8.68 15.88 0.77
CA ARG A 35 8.64 15.05 -0.42
C ARG A 35 9.28 15.71 -1.63
N LEU A 36 9.88 16.87 -1.35
CA LEU A 36 10.48 17.66 -2.39
C LEU A 36 11.88 17.18 -2.68
N ILE A 37 12.02 16.41 -3.73
CA ILE A 37 13.31 15.89 -4.04
C ILE A 37 14.43 16.85 -3.85
N GLN A 38 14.14 18.14 -4.04
CA GLN A 38 15.09 19.22 -3.83
C GLN A 38 15.60 19.18 -2.38
N ASN A 39 14.72 19.46 -1.43
CA ASN A 39 15.11 19.39 -0.05
C ASN A 39 15.75 18.06 0.27
N SER A 40 15.23 16.95 -0.22
CA SER A 40 15.83 15.68 0.14
C SER A 40 17.30 15.71 -0.23
N LEU A 41 17.59 16.07 -1.46
CA LEU A 41 18.99 16.14 -1.90
C LEU A 41 19.89 16.91 -0.97
N THR A 42 19.49 18.12 -0.69
CA THR A 42 20.26 18.96 0.20
C THR A 42 20.58 18.19 1.47
N ILE A 43 19.58 17.57 2.07
CA ILE A 43 19.83 16.81 3.27
C ILE A 43 20.86 15.70 3.07
N GLU A 44 20.72 14.98 1.97
CA GLU A 44 21.58 13.85 1.74
C GLU A 44 23.02 14.30 1.66
N ARG A 45 23.23 15.45 1.03
CA ARG A 45 24.59 15.93 0.83
C ARG A 45 25.18 16.50 2.15
N MET A 46 24.38 17.23 2.93
CA MET A 46 24.70 17.67 4.30
C MET A 46 25.30 16.56 5.12
N VAL A 47 24.96 15.34 4.76
CA VAL A 47 25.32 14.27 5.63
C VAL A 47 26.57 13.68 5.11
N LEU A 48 26.64 13.43 3.82
CA LEU A 48 27.81 12.82 3.25
C LEU A 48 29.02 13.75 3.44
N SER A 49 28.77 15.06 3.41
CA SER A 49 29.80 16.05 3.67
C SER A 49 30.28 15.90 5.11
N ALA A 50 29.34 15.84 6.03
CA ALA A 50 29.70 15.80 7.44
C ALA A 50 30.42 14.49 7.77
N PHE A 51 30.19 13.43 7.04
CA PHE A 51 30.87 12.20 7.34
C PHE A 51 32.08 12.00 6.45
N ASP A 52 32.60 13.12 5.90
CA ASP A 52 33.73 13.10 4.94
C ASP A 52 34.20 14.50 4.49
N THR A 53 28.00 21.82 8.10
CA THR A 53 27.69 22.14 6.71
C THR A 53 26.28 22.61 6.61
N GLY A 54 25.93 23.15 5.46
CA GLY A 54 24.62 23.77 5.26
C GLY A 54 24.13 23.41 3.87
N GLY A 55 23.07 24.07 3.43
CA GLY A 55 22.55 23.81 2.10
C GLY A 55 21.24 24.53 1.82
N PRO A 56 20.75 24.42 0.57
CA PRO A 56 19.57 25.09 0.09
C PRO A 56 18.30 24.35 0.52
N ILE A 57 17.41 25.07 1.20
CA ILE A 57 16.19 24.44 1.67
C ILE A 57 14.95 25.21 1.28
N TYR A 58 14.12 24.61 0.43
CA TYR A 58 12.95 25.30 -0.08
C TYR A 58 11.68 25.13 0.76
N ARG A 59 11.01 26.25 0.98
CA ARG A 59 9.86 26.28 1.85
C ARG A 59 8.63 26.73 1.06
N ARG A 60 7.44 26.38 1.56
CA ARG A 60 6.21 26.69 0.84
C ARG A 60 5.37 27.72 1.58
N VAL A 61 5.27 28.93 1.06
CA VAL A 61 4.34 29.93 1.64
C VAL A 61 3.17 30.19 0.68
N ASP A 62 2.05 30.68 1.21
CA ASP A 62 0.88 31.02 0.38
C ASP A 62 1.32 31.32 -1.06
N GLY A 63 1.09 30.38 -1.98
CA GLY A 63 1.39 30.65 -3.39
C GLY A 63 2.75 30.28 -3.90
N LYS A 64 3.80 30.88 -3.32
CA LYS A 64 5.18 30.80 -3.89
C LYS A 64 6.20 30.07 -3.06
N TRP A 65 7.33 29.73 -3.65
CA TRP A 65 8.31 28.90 -2.92
C TRP A 65 9.47 29.73 -2.42
N ARG A 66 9.80 29.58 -1.13
CA ARG A 66 10.87 30.38 -0.55
C ARG A 66 12.09 29.50 -0.29
N ARG A 67 13.23 29.91 -0.85
CA ARG A 67 14.48 29.19 -0.65
C ARG A 67 15.21 29.68 0.60
N GLU A 68 15.45 28.80 1.57
CA GLU A 68 16.27 29.17 2.74
C GLU A 68 17.69 28.64 2.69
N LEU A 69 18.64 29.51 2.98
CA LEU A 69 20.02 29.08 3.00
C LEU A 69 20.36 28.78 4.43
N ILE A 70 20.59 27.51 4.79
CA ILE A 70 20.82 27.18 6.21
C ILE A 70 22.08 26.39 6.46
N LEU A 71 22.49 26.39 7.73
CA LEU A 71 23.72 25.69 8.16
C LEU A 71 23.47 24.86 9.42
N TYR A 72 24.11 23.70 9.53
CA TYR A 72 23.94 22.81 10.70
C TYR A 72 25.28 22.33 11.30
N ASP A 73 25.30 22.06 12.59
CA ASP A 73 26.51 21.60 13.21
C ASP A 73 27.00 20.33 12.52
N LYS A 74 28.09 20.43 11.77
CA LYS A 74 28.58 19.24 11.09
C LYS A 74 28.53 18.00 11.98
N GLU A 75 28.63 18.17 13.31
CA GLU A 75 28.69 17.02 14.20
C GLU A 75 27.30 16.65 14.61
N GLU A 76 26.49 17.68 14.84
CA GLU A 76 25.11 17.39 15.11
C GLU A 76 24.57 16.41 14.06
N ILE A 77 24.92 16.66 12.79
CA ILE A 77 24.43 15.82 11.68
C ILE A 77 24.91 14.41 11.88
N ARG A 78 26.18 14.30 12.23
CA ARG A 78 26.76 12.99 12.43
C ARG A 78 26.11 12.31 13.63
N ARG A 79 25.65 13.11 14.58
CA ARG A 79 25.03 12.57 15.76
C ARG A 79 23.66 11.98 15.42
N ILE A 80 22.87 12.79 14.74
CA ILE A 80 21.52 12.38 14.36
C ILE A 80 21.55 11.15 13.48
N TRP A 81 22.52 11.10 12.57
CA TRP A 81 22.70 9.97 11.69
C TRP A 81 22.81 8.68 12.51
N ARG A 82 23.78 8.60 13.42
CA ARG A 82 24.03 7.34 14.14
C ARG A 82 22.80 7.00 15.00
N GLN A 83 22.25 8.02 15.63
CA GLN A 83 21.04 7.80 16.37
C GLN A 83 20.10 6.93 15.57
N ALA A 84 19.96 7.22 14.26
CA ALA A 84 19.02 6.50 13.42
C ALA A 84 19.52 5.11 13.16
N ASN A 85 20.79 4.95 12.87
CA ASN A 85 21.39 3.60 12.70
C ASN A 85 21.86 2.86 13.95
N ASN A 86 21.22 3.10 15.10
CA ASN A 86 21.67 2.46 16.32
C ASN A 86 23.10 2.81 16.77
N GLY A 87 23.52 4.03 16.49
CA GLY A 87 24.85 4.40 16.87
C GLY A 87 25.90 3.73 16.03
N ASP A 88 25.46 3.06 14.96
CA ASP A 88 26.37 2.49 14.00
C ASP A 88 26.83 3.52 12.99
N ASP A 89 27.76 3.10 12.14
CA ASP A 89 28.28 4.03 11.13
C ASP A 89 27.48 3.88 9.85
N ALA A 90 27.13 2.63 9.60
CA ALA A 90 26.38 2.22 8.44
C ALA A 90 26.99 2.89 7.24
N THR A 91 28.25 2.56 6.93
CA THR A 91 28.91 3.18 5.77
C THR A 91 28.09 2.85 4.54
N ALA A 92 27.59 1.63 4.52
CA ALA A 92 26.69 1.25 3.45
C ALA A 92 25.65 2.34 3.18
N GLY A 93 24.99 2.77 4.24
CA GLY A 93 23.98 3.79 4.10
C GLY A 93 24.43 5.08 3.43
N LEU A 94 25.60 5.58 3.79
CA LEU A 94 26.09 6.84 3.25
C LEU A 94 26.48 6.56 1.80
N THR A 95 27.05 5.38 1.59
CA THR A 95 27.52 4.96 0.31
C THR A 95 26.32 4.86 -0.59
N HIS A 96 25.15 4.51 -0.02
CA HIS A 96 23.93 4.33 -0.82
C HIS A 96 23.50 5.64 -1.42
N MET A 97 23.55 6.71 -0.65
CA MET A 97 23.12 8.01 -1.11
C MET A 97 24.26 8.51 -1.91
N MET A 98 25.43 7.89 -1.72
CA MET A 98 26.63 8.28 -2.46
C MET A 98 26.35 7.86 -3.88
N ILE A 99 25.62 6.77 -4.07
CA ILE A 99 25.31 6.30 -5.42
C ILE A 99 24.09 6.98 -6.04
N TRP A 100 23.12 7.25 -5.20
CA TRP A 100 21.91 7.81 -5.72
C TRP A 100 22.36 9.10 -6.39
N HIS A 101 23.33 9.75 -5.79
CA HIS A 101 23.79 10.99 -6.35
C HIS A 101 24.51 10.64 -7.63
N SER A 102 25.31 9.59 -7.57
CA SER A 102 26.06 9.20 -8.77
C SER A 102 25.12 8.98 -9.95
N ASN A 103 24.16 8.11 -9.76
CA ASN A 103 23.32 7.70 -10.82
C ASN A 103 22.50 8.84 -11.43
N LEU A 104 22.26 9.87 -10.60
CA LEU A 104 21.61 11.09 -11.00
C LEU A 104 22.58 11.92 -11.79
N ASN A 105 23.86 11.81 -11.53
CA ASN A 105 24.78 12.70 -12.19
C ASN A 105 25.18 12.09 -13.52
N ASP A 106 25.20 10.78 -13.56
CA ASP A 106 25.55 10.11 -14.75
C ASP A 106 24.41 10.25 -15.80
N ALA A 107 23.27 10.77 -15.35
CA ALA A 107 22.14 10.97 -16.25
C ALA A 107 21.83 12.42 -16.51
N THR A 108 22.12 13.30 -15.55
CA THR A 108 21.84 14.71 -15.73
C THR A 108 22.92 15.30 -16.61
N TYR A 109 24.16 14.80 -16.46
CA TYR A 109 25.33 15.37 -17.17
C TYR A 109 26.17 14.45 -18.03
N GLN A 110 26.83 15.05 -18.99
CA GLN A 110 27.72 14.32 -19.85
C GLN A 110 29.11 14.81 -19.57
N ARG A 111 30.01 13.89 -19.27
CA ARG A 111 31.31 14.29 -18.74
C ARG A 111 32.37 14.16 -19.83
N THR A 112 32.32 15.08 -20.80
CA THR A 112 33.20 14.99 -21.95
C THR A 112 34.49 15.72 -21.64
N ARG A 113 34.34 16.92 -21.06
CA ARG A 113 35.51 17.77 -20.74
C ARG A 113 36.61 16.95 -20.08
N ALA A 114 36.20 16.08 -19.17
CA ALA A 114 37.12 15.26 -18.42
C ALA A 114 37.69 14.10 -19.20
N LEU A 115 36.91 13.50 -20.10
CA LEU A 115 37.37 12.29 -20.82
C LEU A 115 38.54 12.63 -21.77
N VAL A 116 38.36 13.75 -22.47
CA VAL A 116 39.27 14.21 -23.48
C VAL A 116 40.57 14.71 -22.82
N ARG A 117 40.40 15.56 -21.81
CA ARG A 117 41.52 16.05 -21.01
C ARG A 117 42.31 14.86 -20.42
N THR A 118 41.66 13.72 -20.22
CA THR A 118 42.35 12.49 -19.84
C THR A 118 42.95 11.78 -21.07
N GLY A 119 42.29 11.90 -22.22
CA GLY A 119 42.85 11.31 -23.44
C GLY A 119 42.06 10.08 -23.80
N MET A 120 40.76 10.17 -23.47
CA MET A 120 39.74 9.14 -23.75
C MET A 120 38.79 9.72 -24.80
N ASP A 121 38.25 8.87 -25.66
CA ASP A 121 37.36 9.41 -26.68
C ASP A 121 35.99 9.82 -26.09
N PRO A 122 35.52 11.06 -26.35
CA PRO A 122 34.25 11.57 -25.81
C PRO A 122 33.09 10.66 -26.08
N ARG A 123 33.17 9.93 -27.18
CA ARG A 123 32.19 8.92 -27.47
C ARG A 123 32.25 7.68 -26.59
N MET A 124 32.98 7.74 -25.49
CA MET A 124 33.05 6.59 -24.57
C MET A 124 32.18 6.81 -23.34
N CYS A 125 31.10 7.58 -23.52
CA CYS A 125 30.05 7.80 -22.51
C CYS A 125 29.57 6.58 -21.76
N SER A 126 29.16 5.54 -22.49
CA SER A 126 28.60 4.30 -21.93
C SER A 126 29.54 3.47 -21.02
N LEU A 127 30.73 4.00 -20.78
CA LEU A 127 31.74 3.32 -20.03
C LEU A 127 32.09 4.17 -18.84
N MET A 128 31.53 5.38 -18.72
CA MET A 128 31.85 6.22 -17.57
C MET A 128 30.82 6.16 -16.41
N GLN A 129 30.23 4.99 -16.17
CA GLN A 129 29.31 4.83 -15.08
C GLN A 129 29.90 4.95 -13.67
N GLY A 130 29.66 6.07 -13.03
CA GLY A 130 30.13 6.25 -11.69
C GLY A 130 31.44 7.05 -11.72
N SER A 131 31.71 7.76 -12.80
CA SER A 131 32.88 8.59 -12.77
C SER A 131 32.77 9.67 -11.65
N THR A 132 31.57 9.98 -11.16
CA THR A 132 31.41 11.07 -10.19
C THR A 132 31.54 10.55 -8.77
N LEU A 133 31.54 9.24 -8.70
CA LEU A 133 31.37 8.59 -7.44
C LEU A 133 32.65 8.65 -6.63
N PRO A 134 32.65 9.46 -5.57
CA PRO A 134 33.89 9.60 -4.76
C PRO A 134 34.58 8.25 -4.48
N ARG A 135 35.90 8.24 -4.57
CA ARG A 135 36.72 7.07 -4.20
C ARG A 135 36.37 6.50 -2.82
N ARG A 136 35.98 7.38 -1.88
CA ARG A 136 35.48 6.95 -0.57
C ARG A 136 34.39 5.86 -0.69
N SER A 137 33.70 5.78 -1.82
CA SER A 137 32.69 4.77 -2.01
C SER A 137 33.22 3.42 -1.59
N GLY A 138 32.33 2.56 -1.14
CA GLY A 138 32.74 1.26 -0.66
C GLY A 138 33.13 0.25 -1.71
N ALA A 139 33.32 -0.97 -1.26
CA ALA A 139 33.71 -2.02 -2.15
C ALA A 139 32.57 -2.37 -3.14
N ALA A 140 31.31 -2.23 -2.70
CA ALA A 140 30.15 -2.62 -3.50
C ALA A 140 29.71 -1.34 -4.20
N GLY A 141 30.44 -0.26 -3.85
CA GLY A 141 30.35 1.01 -4.53
C GLY A 141 31.13 1.07 -5.85
N ALA A 142 32.26 0.38 -5.93
CA ALA A 142 33.05 0.42 -7.13
C ALA A 142 32.47 -0.59 -8.11
N ALA A 143 31.89 -1.68 -7.62
CA ALA A 143 31.31 -2.69 -8.56
C ALA A 143 30.30 -2.10 -9.58
N VAL A 144 29.80 -0.91 -9.27
CA VAL A 144 28.79 -0.28 -10.08
C VAL A 144 29.49 0.47 -11.18
N LYS A 145 30.80 0.73 -10.99
CA LYS A 145 31.63 1.47 -11.99
C LYS A 145 31.79 0.84 -13.39
N GLY A 146 31.69 1.68 -14.42
CA GLY A 146 31.94 1.22 -15.78
C GLY A 146 33.43 1.06 -16.05
N VAL A 147 33.77 0.21 -17.03
CA VAL A 147 35.16 -0.09 -17.40
C VAL A 147 35.93 1.23 -17.67
N GLY A 148 35.31 2.09 -18.47
CA GLY A 148 35.83 3.38 -18.76
C GLY A 148 36.06 4.18 -17.51
N THR A 149 35.34 3.89 -16.44
CA THR A 149 35.46 4.76 -15.25
C THR A 149 36.84 4.54 -14.64
N MET A 150 37.24 3.30 -14.67
CA MET A 150 38.43 2.90 -13.98
C MET A 150 39.63 3.51 -14.69
N VAL A 151 39.64 3.32 -16.00
CA VAL A 151 40.66 3.88 -16.88
C VAL A 151 40.93 5.40 -16.67
N MET A 152 39.92 6.22 -16.54
CA MET A 152 40.13 7.63 -16.34
C MET A 152 40.97 7.94 -15.09
N GLU A 153 40.89 6.99 -14.14
CA GLU A 153 41.56 7.12 -12.83
C GLU A 153 43.04 6.76 -12.93
N LEU A 154 43.29 5.47 -13.17
CA LEU A 154 44.62 4.98 -13.43
C LEU A 154 45.39 5.93 -14.37
N ILE A 155 44.81 6.27 -15.53
CA ILE A 155 45.42 7.22 -16.45
C ILE A 155 45.80 8.55 -15.77
N ARG A 156 45.04 9.01 -14.78
CA ARG A 156 45.44 10.27 -14.17
C ARG A 156 46.45 10.00 -13.09
N MET A 157 46.24 8.90 -12.38
CA MET A 157 47.14 8.47 -11.31
C MET A 157 48.51 8.27 -11.98
N ILE A 158 48.53 7.44 -13.04
CA ILE A 158 49.71 7.27 -13.90
C ILE A 158 50.21 8.56 -14.56
N LYS A 159 49.34 9.33 -15.22
CA LYS A 159 49.78 10.52 -15.96
C LYS A 159 50.56 11.54 -15.11
N ARG A 160 50.09 11.83 -13.91
CA ARG A 160 50.86 12.77 -13.08
C ARG A 160 52.19 12.19 -12.52
N GLY A 161 52.13 10.90 -12.11
CA GLY A 161 53.30 10.14 -11.61
C GLY A 161 54.35 9.95 -12.68
N ILE A 162 53.98 9.23 -13.75
CA ILE A 162 54.86 9.05 -14.90
C ILE A 162 55.17 10.40 -15.51
N ASN A 163 54.50 11.40 -15.27
CA ASN A 163 54.91 12.73 -15.74
C ASN A 163 55.91 13.24 -14.72
N ARG A 164 54.27 6.04 -2.24
CA ARG A 164 54.87 4.78 -1.81
C ARG A 164 53.88 3.63 -1.84
N ARG A 165 52.92 3.71 -0.92
CA ARG A 165 51.86 2.73 -0.75
C ARG A 165 50.91 2.78 -1.95
N THR A 166 51.02 3.85 -2.72
CA THR A 166 50.25 4.06 -3.95
C THR A 166 50.23 2.86 -4.89
N ARG A 167 51.14 1.92 -4.70
CA ARG A 167 51.22 0.71 -5.54
C ARG A 167 50.11 -0.34 -5.38
N ILE A 168 49.82 -0.75 -4.14
CA ILE A 168 48.75 -1.71 -3.86
C ILE A 168 47.43 -1.26 -4.49
N ALA A 169 47.22 0.06 -4.51
CA ALA A 169 46.07 0.68 -5.20
C ALA A 169 46.10 0.26 -6.65
N TYR A 170 47.16 0.66 -7.36
CA TYR A 170 47.25 0.45 -8.80
C TYR A 170 46.95 -0.98 -9.19
N GLU A 171 47.57 -1.95 -8.52
CA GLU A 171 47.37 -3.37 -8.85
C GLU A 171 45.93 -3.76 -8.64
N ARG A 172 45.40 -3.42 -7.47
CA ARG A 172 44.00 -3.71 -7.17
C ARG A 172 43.06 -3.02 -8.17
N MET A 173 43.26 -1.71 -8.34
CA MET A 173 42.47 -0.94 -9.27
C MET A 173 42.45 -1.67 -10.57
N CYS A 174 43.51 -2.41 -10.89
CA CYS A 174 43.49 -3.18 -12.14
C CYS A 174 42.74 -4.50 -11.97
N ASN A 175 42.82 -5.06 -10.77
CA ASN A 175 42.24 -6.38 -10.56
C ASN A 175 40.76 -6.29 -10.70
N ILE A 176 40.25 -5.20 -10.13
CA ILE A 176 38.86 -4.75 -10.27
C ILE A 176 38.59 -4.55 -11.75
N LEU A 177 39.45 -3.72 -12.36
CA LEU A 177 39.39 -3.45 -13.77
C LEU A 177 39.22 -4.78 -14.44
N LYS A 178 40.12 -5.72 -14.14
CA LYS A 178 40.17 -6.99 -14.88
C LYS A 178 38.91 -7.79 -14.61
N GLY A 179 38.38 -7.60 -13.41
CA GLY A 179 37.22 -8.37 -13.01
C GLY A 179 35.97 -7.86 -13.70
N LYS A 180 36.12 -6.76 -14.44
CA LYS A 180 35.03 -6.24 -15.26
C LYS A 180 34.95 -7.08 -16.54
N PHE A 181 36.11 -7.34 -17.15
CA PHE A 181 36.17 -8.17 -18.35
C PHE A 181 35.69 -9.57 -18.07
N GLN A 182 35.05 -10.15 -19.07
CA GLN A 182 34.52 -11.51 -19.03
C GLN A 182 34.92 -12.33 -20.25
N THR A 183 36.15 -12.15 -20.73
CA THR A 183 36.71 -12.97 -21.82
C THR A 183 38.20 -13.17 -21.62
N ALA A 184 38.69 -14.37 -22.00
CA ALA A 184 40.11 -14.72 -21.93
C ALA A 184 41.05 -13.50 -22.10
N ALA A 185 41.27 -13.11 -23.36
CA ALA A 185 42.22 -12.08 -23.76
C ALA A 185 42.06 -10.79 -22.94
N GLN A 186 40.79 -10.35 -22.88
CA GLN A 186 40.43 -9.18 -22.12
C GLN A 186 41.09 -9.32 -20.77
N ARG A 187 40.77 -10.43 -20.11
CA ARG A 187 41.30 -10.73 -18.80
C ARG A 187 42.83 -10.73 -18.85
N THR A 188 43.41 -11.46 -19.80
CA THR A 188 44.87 -11.61 -19.85
C THR A 188 45.59 -10.30 -20.12
N MET A 189 44.99 -9.46 -20.97
CA MET A 189 45.70 -8.23 -21.40
C MET A 189 45.84 -7.18 -20.30
N VAL A 190 45.00 -7.34 -19.29
CA VAL A 190 44.92 -6.44 -18.18
C VAL A 190 46.13 -6.68 -17.34
N ASP A 191 46.48 -7.97 -17.23
CA ASP A 191 47.69 -8.43 -16.53
C ASP A 191 48.94 -7.85 -17.20
N GLN A 192 49.02 -7.98 -18.53
CA GLN A 192 50.14 -7.46 -19.29
C GLN A 192 50.34 -5.97 -19.00
N VAL A 193 49.26 -5.30 -18.58
CA VAL A 193 49.30 -3.88 -18.19
C VAL A 193 49.78 -3.67 -16.75
N ARG A 194 49.25 -4.49 -15.86
CA ARG A 194 49.61 -4.44 -14.45
C ARG A 194 51.07 -4.85 -14.15
N GLU A 195 51.82 -5.20 -15.19
CA GLU A 195 53.20 -5.65 -15.01
C GLU A 195 54.20 -4.53 -14.71
N SER A 196 53.96 -3.32 -15.22
CA SER A 196 54.93 -2.23 -15.10
C SER A 196 54.78 -1.35 -13.84
N ARG A 197 55.90 -1.16 -13.11
CA ARG A 197 55.87 -0.34 -11.91
C ARG A 197 55.62 1.11 -12.27
N ASN A 198 56.32 1.56 -13.30
CA ASN A 198 56.15 2.92 -13.76
C ASN A 198 55.55 2.85 -15.16
N PRO A 199 54.28 2.42 -15.27
CA PRO A 199 53.65 2.17 -16.58
C PRO A 199 53.50 3.46 -17.37
N GLY A 200 54.25 3.63 -18.45
CA GLY A 200 54.19 4.89 -19.18
C GLY A 200 53.18 4.79 -20.31
N ASN A 201 53.32 5.67 -21.30
CA ASN A 201 52.51 5.62 -22.52
C ASN A 201 52.29 4.23 -23.10
N ALA A 202 53.19 3.30 -22.80
CA ALA A 202 53.03 1.88 -23.14
C ALA A 202 51.65 1.38 -22.68
N GLU A 203 51.37 1.64 -21.40
CA GLU A 203 50.13 1.27 -20.75
C GLU A 203 49.07 2.31 -21.18
N PHE A 204 49.36 3.60 -20.91
CA PHE A 204 48.50 4.74 -21.30
C PHE A 204 47.77 4.44 -22.63
N GLU A 205 48.53 4.11 -23.66
CA GLU A 205 47.93 3.72 -24.90
C GLU A 205 47.20 2.35 -24.85
N ASP A 206 47.70 1.36 -24.09
CA ASP A 206 47.04 0.04 -24.16
C ASP A 206 45.64 -0.09 -23.50
N LEU A 207 45.44 0.58 -22.36
CA LEU A 207 44.21 0.44 -21.59
C LEU A 207 43.11 1.13 -22.39
N ILE A 208 43.47 2.26 -22.99
CA ILE A 208 42.58 3.00 -23.85
C ILE A 208 42.00 2.07 -24.88
N PHE A 209 42.87 1.19 -25.40
CA PHE A 209 42.45 0.11 -26.33
C PHE A 209 41.31 -0.78 -25.70
N LEU A 210 41.69 -1.40 -24.59
CA LEU A 210 40.83 -2.23 -23.76
C LEU A 210 39.53 -1.45 -23.43
N ALA A 211 39.66 -0.14 -23.19
CA ALA A 211 38.48 0.71 -22.98
C ALA A 211 37.50 0.55 -24.18
N ARG A 212 38.08 0.67 -25.37
CA ARG A 212 37.32 0.53 -26.57
C ARG A 212 36.87 -0.91 -26.83
N SER A 213 37.56 -1.89 -26.26
CA SER A 213 37.16 -3.28 -26.49
C SER A 213 35.82 -3.57 -25.80
N ALA A 214 35.54 -2.81 -24.75
CA ALA A 214 34.39 -3.01 -23.89
C ALA A 214 33.13 -2.48 -24.52
N LEU A 215 33.34 -1.63 -25.55
CA LEU A 215 32.30 -1.05 -26.39
C LEU A 215 31.71 -2.13 -27.20
N ILE A 216 32.41 -3.25 -27.31
CA ILE A 216 31.93 -4.32 -28.12
C ILE A 216 31.79 -5.58 -27.27
N LEU A 217 32.84 -5.89 -26.52
CA LEU A 217 32.86 -7.03 -25.57
C LEU A 217 32.79 -6.37 -24.22
N ARG A 218 31.56 -6.17 -23.76
CA ARG A 218 31.34 -5.35 -22.60
C ARG A 218 31.83 -6.18 -21.42
N GLY A 219 31.92 -5.54 -20.25
CA GLY A 219 32.19 -6.24 -19.01
C GLY A 219 31.01 -6.37 -18.07
N SER A 220 31.30 -6.89 -16.89
CA SER A 220 30.31 -7.03 -15.87
C SER A 220 30.32 -5.75 -15.01
N VAL A 221 29.24 -4.99 -15.11
CA VAL A 221 29.04 -3.86 -14.22
C VAL A 221 27.67 -3.91 -13.60
N ALA A 222 27.66 -4.09 -12.29
CA ALA A 222 26.45 -4.00 -11.46
C ALA A 222 25.74 -2.64 -11.54
N HIS A 223 24.40 -2.71 -11.53
CA HIS A 223 23.52 -1.53 -11.47
C HIS A 223 22.70 -1.60 -10.18
N LYS A 224 22.65 -0.50 -9.44
CA LYS A 224 21.98 -0.43 -8.14
C LYS A 224 20.84 0.63 -8.19
N SER A 225 19.60 0.20 -7.93
CA SER A 225 18.47 1.10 -7.91
C SER A 225 18.45 1.90 -6.63
N CYS A 226 19.04 3.07 -6.63
CA CYS A 226 19.12 3.80 -5.36
C CYS A 226 18.23 4.99 -5.34
N LEU A 227 17.15 4.98 -4.55
CA LEU A 227 16.15 6.06 -4.55
C LEU A 227 16.54 7.14 -3.60
N PRO A 228 16.01 8.38 -3.75
CA PRO A 228 16.27 9.56 -2.90
C PRO A 228 15.91 9.29 -1.46
N ALA A 229 16.57 9.98 -0.54
CA ALA A 229 16.29 9.76 0.87
C ALA A 229 14.78 9.88 1.23
N CYS A 230 14.09 10.79 0.55
CA CYS A 230 12.74 11.07 0.90
C CYS A 230 11.87 9.83 0.67
N VAL A 231 12.21 9.08 -0.36
CA VAL A 231 11.42 7.96 -0.73
C VAL A 231 11.49 6.94 0.36
N TYR A 232 12.69 6.59 0.83
CA TYR A 232 12.90 5.72 1.97
C TYR A 232 12.34 6.32 3.25
N GLY A 233 12.63 7.59 3.55
CA GLY A 233 11.98 8.25 4.73
C GLY A 233 10.48 8.11 4.74
N SER A 234 9.86 8.42 3.64
CA SER A 234 8.43 8.34 3.57
C SER A 234 7.93 6.91 3.81
N ALA A 235 8.61 5.93 3.23
CA ALA A 235 8.29 4.53 3.34
C ALA A 235 8.43 4.04 4.77
N VAL A 236 9.50 4.44 5.43
CA VAL A 236 9.74 4.05 6.82
C VAL A 236 8.62 4.58 7.68
N ALA A 237 8.25 5.82 7.42
CA ALA A 237 7.22 6.53 8.16
C ALA A 237 5.86 5.91 7.96
N SER A 238 5.64 5.31 6.78
CA SER A 238 4.41 4.62 6.43
C SER A 238 4.36 3.24 7.03
N GLY A 239 5.27 2.92 7.93
CA GLY A 239 5.15 1.66 8.51
C GLY A 239 6.13 0.64 7.94
N TYR A 240 6.57 0.75 6.69
CA TYR A 240 7.41 -0.30 6.12
C TYR A 240 8.60 -0.48 6.92
N ASP A 241 8.80 -1.71 7.37
CA ASP A 241 9.89 -2.05 8.26
C ASP A 241 10.83 -3.00 7.54
N PHE A 242 11.64 -2.47 6.64
CA PHE A 242 12.39 -3.24 5.65
C PHE A 242 13.31 -4.30 6.19
N GLU A 243 14.12 -3.97 7.18
CA GLU A 243 14.91 -5.05 7.84
C GLU A 243 14.11 -6.33 8.17
N ARG A 244 12.84 -6.22 8.44
CA ARG A 244 12.01 -7.37 8.74
C ARG A 244 11.40 -7.91 7.49
N GLU A 245 10.93 -7.04 6.61
CA GLU A 245 10.26 -7.47 5.36
C GLU A 245 11.24 -7.60 4.19
N GLY A 246 12.50 -7.28 4.37
CA GLY A 246 13.43 -7.49 3.29
C GLY A 246 13.30 -6.43 2.21
N TYR A 247 14.44 -6.14 1.58
CA TYR A 247 14.50 -5.17 0.50
C TYR A 247 15.67 -5.50 -0.47
N SER A 248 15.58 -5.08 -1.76
CA SER A 248 16.70 -5.26 -2.72
C SER A 248 16.98 -3.98 -3.45
N LEU A 249 18.13 -3.95 -4.13
CA LEU A 249 18.49 -2.85 -5.00
C LEU A 249 18.54 -3.33 -6.45
N VAL A 250 18.32 -4.63 -6.68
CA VAL A 250 18.40 -5.16 -8.05
C VAL A 250 17.19 -6.09 -8.30
N GLY A 251 16.24 -6.08 -7.36
CA GLY A 251 15.01 -6.85 -7.56
C GLY A 251 13.80 -6.04 -7.89
N ILE A 252 12.67 -6.55 -7.45
CA ILE A 252 11.38 -5.87 -7.65
C ILE A 252 11.12 -4.82 -6.55
N ASP A 253 11.90 -4.88 -5.48
CA ASP A 253 11.65 -4.05 -4.31
C ASP A 253 11.66 -2.57 -4.71
N PRO A 254 12.73 -2.15 -5.37
CA PRO A 254 12.85 -0.72 -5.67
C PRO A 254 11.75 -0.29 -6.59
N PHE A 255 11.48 -1.00 -7.67
CA PHE A 255 10.36 -0.58 -8.50
C PHE A 255 9.08 -0.49 -7.70
N ARG A 256 8.77 -1.50 -6.90
CA ARG A 256 7.50 -1.51 -6.15
C ARG A 256 7.38 -0.29 -5.23
N LEU A 257 8.47 0.01 -4.53
CA LEU A 257 8.49 1.17 -3.69
C LEU A 257 8.17 2.40 -4.50
N LEU A 258 8.80 2.59 -5.66
CA LEU A 258 8.53 3.75 -6.49
C LEU A 258 7.14 3.71 -7.11
N GLN A 259 6.37 2.65 -6.89
CA GLN A 259 5.03 2.58 -7.49
C GLN A 259 4.04 3.35 -6.64
N ASN A 260 4.50 3.78 -5.46
CA ASN A 260 3.64 4.49 -4.50
C ASN A 260 4.24 5.77 -3.94
N SER A 261 5.41 6.13 -4.47
CA SER A 261 6.14 7.25 -3.94
C SER A 261 5.44 8.52 -4.37
N GLN A 262 5.43 9.52 -3.51
CA GLN A 262 4.80 10.79 -3.83
C GLN A 262 5.90 11.83 -3.84
N VAL A 263 6.77 11.79 -4.84
CA VAL A 263 7.87 12.70 -4.84
C VAL A 263 7.56 13.94 -5.67
N TYR A 264 7.82 15.11 -5.08
CA TYR A 264 7.66 16.35 -5.80
C TYR A 264 8.98 17.01 -6.16
N SER A 265 8.96 17.81 -7.21
CA SER A 265 10.17 18.49 -7.66
C SER A 265 10.01 19.92 -8.12
N LEU A 266 10.98 20.77 -7.80
CA LEU A 266 10.96 22.15 -8.31
C LEU A 266 11.22 22.12 -9.78
N ILE A 267 10.49 22.98 -10.47
CA ILE A 267 10.51 22.98 -11.93
C ILE A 267 10.50 24.39 -12.48
N ARG A 268 11.55 24.70 -13.25
CA ARG A 268 11.66 26.02 -13.90
C ARG A 268 10.53 26.33 -14.90
N PRO A 269 10.20 27.65 -15.10
CA PRO A 269 9.03 28.14 -15.87
C PRO A 269 8.83 27.50 -17.24
N ASN A 270 9.90 27.41 -18.02
CA ASN A 270 9.73 26.78 -19.32
C ASN A 270 9.98 25.28 -19.44
N GLU A 271 10.18 24.58 -18.32
CA GLU A 271 10.59 23.18 -18.39
C GLU A 271 9.38 22.26 -18.48
N ASN A 272 9.60 21.06 -19.00
CA ASN A 272 8.54 20.14 -19.22
C ASN A 272 8.51 19.14 -18.10
N PRO A 273 7.40 19.11 -17.33
CA PRO A 273 7.27 18.16 -16.20
C PRO A 273 7.57 16.69 -16.60
N ALA A 274 6.97 16.29 -17.70
CA ALA A 274 7.02 14.90 -18.12
C ALA A 274 8.47 14.55 -18.36
N HIS A 275 9.22 15.58 -18.76
CA HIS A 275 10.61 15.45 -19.14
C HIS A 275 11.40 15.36 -17.85
N LYS A 276 10.96 16.11 -16.84
CA LYS A 276 11.64 16.12 -15.54
C LYS A 276 11.58 14.75 -14.89
N SER A 277 10.36 14.20 -14.79
CA SER A 277 10.15 12.89 -14.23
C SER A 277 11.04 11.86 -14.92
N GLN A 278 11.14 11.95 -16.25
CA GLN A 278 11.93 11.00 -16.97
C GLN A 278 13.31 10.92 -16.34
N LEU A 279 13.95 12.09 -16.27
CA LEU A 279 15.32 12.22 -15.72
C LEU A 279 15.48 11.46 -14.41
N VAL A 280 14.86 11.97 -13.35
CA VAL A 280 14.80 11.23 -12.06
C VAL A 280 14.59 9.72 -12.16
N TRP A 281 13.64 9.30 -12.99
CA TRP A 281 13.39 7.89 -13.18
C TRP A 281 14.63 7.16 -13.67
N MET A 282 15.44 7.82 -14.50
CA MET A 282 16.58 7.12 -15.09
C MET A 282 17.70 7.07 -14.07
N ALA A 283 17.72 8.06 -13.17
CA ALA A 283 18.67 8.03 -12.06
C ALA A 283 18.26 7.02 -11.00
N CYS A 284 16.98 6.71 -10.91
CA CYS A 284 16.61 5.70 -9.94
C CYS A 284 17.04 4.26 -10.29
N HIS A 285 17.36 4.05 -11.54
CA HIS A 285 17.87 2.75 -11.89
C HIS A 285 19.24 2.67 -12.65
N SER A 286 19.95 3.78 -12.80
CA SER A 286 21.25 3.71 -13.50
C SER A 286 20.93 3.29 -14.96
N ALA A 287 19.97 4.00 -15.57
CA ALA A 287 19.54 3.71 -16.92
C ALA A 287 19.98 4.87 -17.76
N ALA A 288 21.13 5.47 -17.44
CA ALA A 288 21.56 6.65 -18.23
C ALA A 288 22.32 6.21 -19.42
N PHE A 289 22.62 4.92 -19.55
CA PHE A 289 23.42 4.49 -20.68
C PHE A 289 22.73 3.26 -21.18
N GLU A 290 21.44 3.13 -20.86
CA GLU A 290 20.74 1.93 -21.28
C GLU A 290 20.20 2.20 -22.70
N ASP A 291 19.77 1.15 -23.40
CA ASP A 291 19.20 1.34 -24.72
C ASP A 291 17.83 2.01 -24.58
N LEU A 292 17.64 3.23 -25.11
CA LEU A 292 16.41 3.99 -24.90
C LEU A 292 15.22 3.11 -25.19
N ARG A 293 15.37 2.23 -26.19
CA ARG A 293 14.28 1.34 -26.60
C ARG A 293 13.74 0.56 -25.44
N VAL A 294 14.66 -0.10 -24.74
CA VAL A 294 14.30 -0.93 -23.59
C VAL A 294 13.81 -0.08 -22.41
N SER A 295 14.54 1.00 -22.09
CA SER A 295 14.12 1.94 -21.05
C SER A 295 12.68 2.34 -21.26
N SER A 296 12.29 2.70 -22.48
CA SER A 296 10.91 3.11 -22.73
C SER A 296 9.96 1.94 -22.63
N PHE A 297 10.50 0.76 -22.89
CA PHE A 297 9.65 -0.40 -22.97
C PHE A 297 9.20 -0.67 -21.56
N ILE A 298 10.15 -0.74 -20.66
CA ILE A 298 9.92 -1.03 -19.26
C ILE A 298 9.22 0.16 -18.56
N ARG A 299 9.66 1.36 -18.93
CA ARG A 299 9.12 2.58 -18.40
C ARG A 299 7.63 2.66 -18.59
N GLY A 300 7.18 2.33 -19.79
CA GLY A 300 5.76 2.40 -20.01
C GLY A 300 5.40 3.51 -20.94
N THR A 301 6.33 4.47 -21.08
CA THR A 301 6.16 5.67 -21.90
C THR A 301 7.45 6.11 -22.58
N LYS A 302 7.34 6.98 -23.57
CA LYS A 302 8.57 7.45 -24.21
C LYS A 302 9.72 7.87 -23.27
N VAL A 303 10.91 7.39 -23.58
CA VAL A 303 12.08 7.78 -22.86
C VAL A 303 12.93 8.58 -23.83
N VAL A 304 12.66 9.87 -23.79
CA VAL A 304 13.29 10.75 -24.76
C VAL A 304 14.77 10.97 -24.50
N PRO A 305 15.59 11.10 -25.56
CA PRO A 305 17.04 11.34 -25.51
C PRO A 305 17.39 12.62 -24.80
N ARG A 306 18.65 12.71 -24.38
CA ARG A 306 19.10 13.81 -23.55
C ARG A 306 18.92 15.12 -24.27
N GLY A 307 19.39 15.20 -25.51
CA GLY A 307 19.25 16.46 -26.25
C GLY A 307 17.82 17.02 -26.27
N LYS A 308 16.85 16.16 -26.56
CA LYS A 308 15.49 16.56 -26.67
C LYS A 308 14.84 16.72 -25.34
N LEU A 309 15.61 16.50 -24.28
CA LEU A 309 15.09 16.64 -22.95
C LEU A 309 15.07 18.06 -22.48
N SER A 310 13.90 18.49 -22.02
CA SER A 310 13.73 19.83 -21.49
C SER A 310 14.03 20.03 -20.01
N THR A 311 15.31 20.16 -19.67
CA THR A 311 15.68 20.41 -18.28
C THR A 311 17.20 20.51 -18.20
N ARG A 312 17.64 21.25 -17.17
CA ARG A 312 19.05 21.62 -17.07
C ARG A 312 19.62 20.93 -15.84
N GLY A 313 18.74 20.51 -14.94
CA GLY A 313 19.25 19.89 -13.76
C GLY A 313 18.25 20.03 -12.67
N VAL A 314 18.26 19.07 -11.76
CA VAL A 314 17.24 18.98 -10.77
C VAL A 314 17.46 19.96 -9.62
N GLN A 315 18.75 20.22 -9.31
CA GLN A 315 19.10 21.14 -8.24
C GLN A 315 18.96 22.53 -8.76
N ILE A 316 18.59 23.41 -7.86
CA ILE A 316 18.35 24.79 -8.21
C ILE A 316 19.59 25.60 -7.82
N ALA A 317 20.12 26.35 -8.78
CA ALA A 317 21.29 27.16 -8.56
C ALA A 317 20.94 28.47 -7.86
N SER A 318 21.91 29.01 -7.11
CA SER A 318 21.78 30.31 -6.36
C SER A 318 21.45 31.50 -7.28
N ASN A 319 21.69 31.30 -8.57
CA ASN A 319 21.52 32.30 -9.56
C ASN A 319 20.05 32.59 -9.75
N GLU A 320 19.24 31.53 -9.75
CA GLU A 320 17.87 31.63 -10.20
C GLU A 320 17.03 32.33 -9.20
N ASN A 321 15.79 32.63 -9.53
CA ASN A 321 14.98 33.31 -8.55
C ASN A 321 13.80 32.46 -8.28
N MET A 322 13.15 32.70 -7.16
CA MET A 322 11.99 31.92 -6.80
C MET A 322 10.67 32.45 -7.34
N GLU A 323 10.66 33.71 -7.79
CA GLU A 323 9.41 34.33 -8.15
C GLU A 323 8.86 33.47 -9.27
N THR A 324 9.70 33.19 -10.27
CA THR A 324 9.26 32.45 -11.44
C THR A 324 9.56 30.99 -11.28
N MET A 325 9.14 30.41 -10.16
CA MET A 325 9.48 29.02 -9.89
C MET A 325 8.24 28.31 -9.37
N GLU A 326 8.01 27.08 -9.83
CA GLU A 326 6.87 26.30 -9.37
C GLU A 326 7.31 24.83 -9.30
N SER A 327 6.41 23.93 -8.93
CA SER A 327 6.80 22.57 -8.63
C SER A 327 5.82 21.55 -9.16
N SER A 328 6.28 20.41 -9.68
CA SER A 328 5.40 19.39 -10.18
C SER A 328 5.59 18.04 -9.48
N THR A 329 4.66 17.12 -9.70
CA THR A 329 4.69 15.83 -9.08
C THR A 329 5.33 14.87 -10.09
N LEU A 330 6.42 14.23 -9.63
CA LEU A 330 7.27 13.44 -10.48
C LEU A 330 6.61 12.11 -10.78
N GLU A 331 6.57 11.74 -12.05
CA GLU A 331 6.03 10.44 -12.46
C GLU A 331 7.14 9.38 -12.43
N LEU A 332 7.16 8.58 -11.37
CA LEU A 332 8.22 7.55 -11.21
C LEU A 332 7.79 6.10 -11.39
N ARG A 333 6.48 5.90 -11.55
CA ARG A 333 5.92 4.59 -11.80
C ARG A 333 6.49 4.02 -13.11
N SER A 334 6.57 2.70 -13.22
CA SER A 334 7.01 2.06 -14.45
C SER A 334 6.03 0.97 -14.86
N ARG A 335 6.13 0.53 -16.10
CA ARG A 335 5.21 -0.47 -16.62
C ARG A 335 5.58 -1.83 -16.05
N TYR A 336 6.75 -2.31 -16.44
CA TYR A 336 7.24 -3.57 -15.92
C TYR A 336 8.50 -3.29 -15.10
N TRP A 337 9.18 -4.36 -14.72
CA TRP A 337 10.47 -4.30 -14.06
C TRP A 337 11.37 -5.37 -14.58
N ALA A 338 12.67 -5.20 -14.32
CA ALA A 338 13.66 -6.11 -14.81
C ALA A 338 14.86 -6.33 -13.88
N ILE A 339 15.39 -7.54 -13.85
CA ILE A 339 16.46 -7.77 -12.90
C ILE A 339 17.67 -6.88 -13.25
N ARG A 340 17.91 -5.78 -12.53
CA ARG A 340 19.08 -4.95 -12.91
C ARG A 340 20.26 -5.91 -12.94
N THR A 341 20.90 -6.11 -14.12
CA THR A 341 22.06 -7.06 -14.23
C THR A 341 23.43 -6.43 -14.02
N ARG A 342 24.45 -7.29 -14.15
CA ARG A 342 25.84 -6.89 -14.02
C ARG A 342 26.61 -7.24 -15.29
N SER A 343 26.28 -8.39 -15.84
CA SER A 343 26.79 -8.89 -17.12
C SER A 343 26.74 -7.93 -18.32
N GLY A 344 27.81 -7.87 -19.10
CA GLY A 344 27.78 -7.15 -20.37
C GLY A 344 27.34 -7.94 -21.60
N GLY A 345 26.83 -9.19 -21.45
CA GLY A 345 26.57 -10.10 -22.61
C GLY A 345 27.79 -10.62 -23.38
N ASN A 346 27.68 -11.80 -23.99
CA ASN A 346 28.73 -12.28 -24.91
C ASN A 346 28.25 -13.35 -25.95
N THR A 347 28.92 -13.42 -27.11
CA THR A 347 28.62 -14.48 -28.10
C THR A 347 29.85 -15.37 -28.38
N SER A 348 50.97 -13.64 -29.31
CA SER A 348 51.61 -12.58 -30.12
C SER A 348 51.35 -11.22 -29.47
N ASP A 349 50.46 -10.41 -30.09
CA ASP A 349 49.97 -9.20 -29.45
C ASP A 349 48.60 -9.56 -28.92
N MET A 350 48.38 -9.48 -27.61
CA MET A 350 47.06 -9.84 -27.09
C MET A 350 45.96 -8.92 -27.68
N ARG A 351 46.40 -7.77 -28.20
CA ARG A 351 45.52 -6.86 -28.93
C ARG A 351 44.83 -7.61 -30.03
N THR A 352 45.64 -8.25 -30.86
CA THR A 352 45.18 -9.04 -32.00
C THR A 352 44.04 -9.97 -31.58
N GLU A 353 44.25 -10.71 -30.50
CA GLU A 353 43.27 -11.64 -30.03
C GLU A 353 41.91 -10.91 -29.93
N ILE A 354 41.90 -9.77 -29.26
CA ILE A 354 40.69 -8.99 -29.03
C ILE A 354 40.14 -8.42 -30.32
N ILE A 355 41.01 -7.75 -31.07
CA ILE A 355 40.61 -7.16 -32.34
C ILE A 355 39.92 -8.21 -33.20
N ARG A 356 40.38 -9.44 -33.12
CA ARG A 356 39.80 -10.56 -33.84
C ARG A 356 38.43 -10.90 -33.24
N LEU A 357 38.28 -10.69 -31.94
CA LEU A 357 37.02 -11.01 -31.28
C LEU A 357 36.06 -9.88 -31.55
N MET A 358 36.46 -8.64 -31.15
CA MET A 358 35.80 -7.42 -31.66
C MET A 358 35.04 -7.58 -33.04
N GLU A 359 35.81 -7.94 -34.09
CA GLU A 359 35.31 -8.23 -35.42
C GLU A 359 34.04 -9.08 -35.55
N SER A 360 34.08 -10.31 -35.04
CA SER A 360 32.98 -11.24 -35.29
C SER A 360 31.70 -10.75 -34.65
N ALA A 361 31.84 -9.68 -33.89
CA ALA A 361 30.72 -9.12 -33.12
C ALA A 361 29.80 -8.20 -33.93
N ARG A 362 28.52 -8.56 -33.96
CA ARG A 362 27.49 -7.72 -34.61
C ARG A 362 26.53 -7.03 -33.61
N PRO A 363 26.18 -5.77 -33.90
CA PRO A 363 25.38 -5.02 -32.98
C PRO A 363 24.09 -5.71 -32.77
N GLU A 364 23.64 -6.46 -33.78
CA GLU A 364 22.39 -7.25 -33.70
C GLU A 364 22.48 -8.48 -32.81
N ASP A 365 23.71 -8.81 -32.38
CA ASP A 365 23.96 -9.98 -31.52
C ASP A 365 23.17 -9.98 -30.23
N VAL A 366 22.24 -10.91 -30.13
CA VAL A 366 21.30 -10.98 -29.02
C VAL A 366 22.04 -11.29 -27.73
N SER A 367 21.82 -10.51 -26.65
CA SER A 367 22.30 -10.84 -25.28
C SER A 367 21.20 -11.23 -24.26
N PHE A 368 21.60 -11.76 -23.10
CA PHE A 368 20.65 -12.16 -22.06
C PHE A 368 19.55 -13.03 -22.68
N GLN A 369 19.99 -14.01 -23.47
CA GLN A 369 19.07 -14.91 -24.17
C GLN A 369 18.07 -15.52 -23.17
N GLY A 370 16.78 -15.50 -23.49
CA GLY A 370 15.80 -16.02 -22.54
C GLY A 370 15.33 -15.11 -21.38
N ARG A 371 16.23 -14.20 -20.91
CA ARG A 371 15.90 -13.22 -19.86
C ARG A 371 14.84 -12.28 -20.38
N GLY A 372 13.90 -11.89 -19.51
CA GLY A 372 12.80 -11.00 -19.92
C GLY A 372 12.43 -9.96 -18.88
N VAL A 373 11.20 -9.47 -18.97
CA VAL A 373 10.76 -8.38 -18.09
C VAL A 373 9.66 -8.94 -17.25
N PHE A 374 9.47 -8.38 -16.06
CA PHE A 374 8.44 -8.93 -15.23
C PHE A 374 7.35 -7.92 -14.96
N GLU A 375 6.13 -8.41 -14.88
CA GLU A 375 5.02 -7.59 -14.45
C GLU A 375 5.27 -7.16 -13.01
N LEU A 376 4.59 -6.09 -12.61
CA LEU A 376 4.77 -5.58 -11.27
C LEU A 376 3.99 -6.40 -10.26
N SER A 377 3.08 -7.29 -10.73
CA SER A 377 2.42 -8.23 -9.86
C SER A 377 3.35 -9.43 -9.57
N ASP A 378 4.20 -9.77 -10.53
CA ASP A 378 5.04 -10.95 -10.46
C ASP A 378 6.15 -10.77 -9.48
N GLU A 379 5.80 -10.97 -8.22
CA GLU A 379 6.72 -10.66 -7.12
C GLU A 379 7.95 -11.52 -7.17
N LYS A 380 7.67 -12.81 -7.30
CA LYS A 380 8.65 -13.85 -7.51
C LYS A 380 9.17 -13.65 -8.94
N ALA A 381 10.31 -14.24 -9.26
CA ALA A 381 10.77 -14.09 -10.65
C ALA A 381 10.14 -15.13 -11.59
N THR A 382 8.95 -15.60 -11.23
CA THR A 382 8.27 -16.66 -11.91
C THR A 382 8.21 -16.55 -13.39
N SER A 383 7.24 -15.80 -13.92
CA SER A 383 7.06 -15.72 -15.37
C SER A 383 7.65 -14.48 -16.08
N PRO A 384 8.61 -14.73 -16.98
CA PRO A 384 9.36 -13.69 -17.73
C PRO A 384 8.64 -13.27 -18.99
N ILE A 385 8.93 -12.09 -19.52
CA ILE A 385 8.26 -11.61 -20.72
C ILE A 385 9.29 -11.12 -21.66
N VAL A 386 9.23 -11.60 -22.89
CA VAL A 386 10.22 -11.23 -23.89
C VAL A 386 9.73 -10.10 -24.78
N PRO A 387 10.47 -8.99 -24.83
CA PRO A 387 10.10 -7.85 -25.65
C PRO A 387 10.52 -7.99 -27.09
N SER A 388 9.65 -7.52 -27.96
CA SER A 388 9.91 -7.58 -29.38
C SER A 388 9.99 -6.13 -29.80
N PHE A 389 11.15 -5.69 -30.27
CA PHE A 389 11.35 -4.28 -30.66
C PHE A 389 10.94 -3.84 -32.08
N ASP A 390 10.33 -4.75 -32.85
CA ASP A 390 9.83 -4.38 -34.16
C ASP A 390 8.84 -3.26 -33.82
N MET A 391 9.19 -2.02 -34.12
CA MET A 391 8.40 -0.89 -33.61
C MET A 391 8.94 0.47 -34.03
N SER A 392 8.12 1.52 -33.99
CA SER A 392 8.62 2.83 -34.36
C SER A 392 9.23 3.37 -33.12
N ASN A 393 10.51 3.13 -32.95
CA ASN A 393 11.24 3.51 -31.73
C ASN A 393 11.66 4.97 -31.81
N GLU A 394 12.57 5.38 -30.95
CA GLU A 394 13.03 6.77 -30.93
C GLU A 394 14.55 6.86 -30.62
N GLY A 395 15.35 5.95 -31.17
CA GLY A 395 16.77 5.94 -30.81
C GLY A 395 17.17 4.87 -29.80
N SER A 396 18.47 4.81 -29.53
CA SER A 396 18.99 3.90 -28.54
C SER A 396 20.02 4.58 -27.64
N TYR A 397 20.57 5.69 -28.04
CA TYR A 397 21.62 6.35 -27.29
C TYR A 397 21.13 7.60 -26.54
N PHE A 398 20.78 7.46 -25.26
CA PHE A 398 20.43 8.64 -24.48
C PHE A 398 21.33 9.84 -24.75
N PHE A 399 22.59 9.61 -25.10
CA PHE A 399 23.50 10.72 -25.36
C PHE A 399 23.97 10.84 -26.84
N SER B 1 30.77 14.27 -34.06
CA SER B 1 30.07 13.25 -33.25
C SER B 1 29.74 13.75 -31.84
N SER B 2 30.70 13.53 -30.90
CA SER B 2 30.54 13.82 -29.47
C SER B 2 29.37 13.06 -28.80
N GLY B 3 28.93 11.92 -29.34
CA GLY B 3 27.74 11.31 -28.76
C GLY B 3 28.05 9.94 -28.26
N GLN B 4 27.05 9.17 -27.87
CA GLN B 4 27.29 7.77 -27.53
C GLN B 4 27.65 6.89 -28.77
N ILE B 5 28.08 5.65 -28.54
CA ILE B 5 28.51 4.72 -29.61
C ILE B 5 28.15 3.25 -29.26
N SER B 6 27.92 3.04 -27.98
CA SER B 6 27.51 1.74 -27.48
C SER B 6 26.51 1.96 -26.36
N ILE B 7 25.74 0.92 -26.05
CA ILE B 7 24.80 0.94 -24.98
C ILE B 7 25.26 0.08 -23.80
N GLN B 8 25.32 0.69 -22.60
CA GLN B 8 25.60 -0.06 -21.34
C GLN B 8 24.35 -0.74 -20.84
N PRO B 9 24.34 -2.04 -20.69
CA PRO B 9 23.06 -2.67 -20.34
C PRO B 9 22.71 -2.58 -18.84
N THR B 10 21.47 -2.21 -18.53
CA THR B 10 21.09 -2.03 -17.14
C THR B 10 20.16 -3.12 -16.74
N PHE B 11 19.53 -3.80 -17.67
CA PHE B 11 18.61 -4.87 -17.25
C PHE B 11 18.85 -6.20 -17.94
N SER B 12 18.24 -7.23 -17.40
CA SER B 12 18.45 -8.55 -17.92
C SER B 12 17.27 -8.86 -18.86
N VAL B 13 17.44 -8.60 -20.15
CA VAL B 13 16.41 -8.95 -21.13
C VAL B 13 17.00 -9.33 -22.48
N GLN B 14 16.22 -10.03 -23.30
CA GLN B 14 16.63 -10.35 -24.65
C GLN B 14 16.71 -9.10 -25.53
N ARG B 15 17.94 -8.61 -25.65
CA ARG B 15 18.20 -7.36 -26.36
C ARG B 15 19.50 -7.33 -27.15
N ASN B 16 19.34 -7.10 -28.45
CA ASN B 16 20.50 -6.85 -29.31
C ASN B 16 21.26 -5.67 -28.72
N LEU B 17 22.51 -5.85 -28.34
CA LEU B 17 23.16 -4.71 -27.77
C LEU B 17 23.83 -3.80 -28.79
N PRO B 18 23.33 -2.56 -28.96
CA PRO B 18 23.88 -1.58 -29.95
C PRO B 18 25.26 -1.01 -29.72
N PHE B 19 26.03 -1.01 -30.81
CA PHE B 19 27.34 -0.37 -30.91
C PHE B 19 27.53 0.00 -32.35
N ASP B 20 28.15 1.17 -32.57
CA ASP B 20 28.43 1.61 -33.92
C ASP B 20 29.68 0.93 -34.54
N ARG B 21 29.48 -0.23 -35.18
CA ARG B 21 30.61 -1.02 -35.76
C ARG B 21 31.75 -0.18 -36.37
N PRO B 22 31.43 0.76 -37.28
CA PRO B 22 32.41 1.61 -37.91
C PRO B 22 33.19 2.41 -36.92
N THR B 23 32.77 3.64 -36.66
CA THR B 23 33.55 4.57 -35.85
C THR B 23 34.43 3.90 -34.77
N ILE B 24 33.92 2.83 -34.15
CA ILE B 24 34.69 2.06 -33.14
C ILE B 24 35.91 1.47 -33.81
N MET B 25 35.70 0.41 -34.61
CA MET B 25 36.81 -0.26 -35.26
C MET B 25 37.56 0.57 -36.32
N ALA B 26 37.05 1.76 -36.59
CA ALA B 26 37.69 2.71 -37.47
C ALA B 26 38.95 3.34 -36.85
N ALA B 27 39.58 2.65 -35.88
CA ALA B 27 40.82 3.18 -35.20
C ALA B 27 41.84 2.11 -34.78
N ASN C 1 -22.09 7.15 -11.03
CA ASN C 1 -21.69 8.46 -10.41
C ASN C 1 -20.88 8.30 -9.12
N ALA C 2 -19.57 8.24 -9.35
CA ALA C 2 -18.56 8.10 -8.32
C ALA C 2 -18.13 9.45 -7.72
N THR C 3 -18.94 10.50 -7.89
CA THR C 3 -18.53 11.78 -7.37
C THR C 3 -19.08 12.00 -5.98
N GLU C 4 -20.40 12.14 -5.89
CA GLU C 4 -21.03 12.41 -4.61
C GLU C 4 -20.85 11.17 -3.73
N ILE C 5 -21.54 10.11 -4.10
CA ILE C 5 -21.57 8.86 -3.33
C ILE C 5 -20.17 8.43 -2.84
N ARG C 6 -19.17 8.41 -3.72
CA ARG C 6 -17.86 7.90 -3.28
C ARG C 6 -17.04 8.92 -2.48
N ALA C 7 -17.29 10.19 -2.74
CA ALA C 7 -16.45 11.20 -2.14
C ALA C 7 -17.14 11.86 -0.95
N SER C 8 -18.46 11.90 -0.97
CA SER C 8 -19.20 12.46 0.13
C SER C 8 -19.14 11.55 1.36
N VAL C 9 -18.91 10.27 1.09
CA VAL C 9 -18.93 9.34 2.19
C VAL C 9 -17.50 9.27 2.70
N GLY C 10 -16.59 9.64 1.80
CA GLY C 10 -15.20 9.82 2.18
C GLY C 10 -15.06 10.97 3.17
N LYS C 11 -15.88 11.97 2.98
CA LYS C 11 -15.81 13.13 3.78
C LYS C 11 -16.37 12.80 5.13
N MET C 12 -17.27 11.84 5.17
CA MET C 12 -17.82 11.51 6.47
C MET C 12 -16.83 10.61 7.20
N ILE C 13 -15.99 9.91 6.44
CA ILE C 13 -15.02 9.04 7.02
C ILE C 13 -13.86 9.88 7.58
N ASP C 14 -13.45 10.91 6.83
CA ASP C 14 -12.42 11.88 7.26
C ASP C 14 -12.81 12.45 8.59
N GLY C 15 -14.10 12.71 8.78
CA GLY C 15 -14.46 13.36 10.02
C GLY C 15 -14.16 12.45 11.20
N ILE C 16 -14.53 11.20 11.06
CA ILE C 16 -14.41 10.27 12.16
C ILE C 16 -12.92 10.16 12.46
N GLY C 17 -12.12 10.06 11.39
CA GLY C 17 -10.67 9.95 11.52
C GLY C 17 -10.12 11.13 12.31
N ARG C 18 -10.07 12.28 11.66
CA ARG C 18 -9.71 13.55 12.28
C ARG C 18 -10.18 13.62 13.74
N PHE C 19 -11.48 13.41 13.99
CA PHE C 19 -11.95 13.47 15.35
C PHE C 19 -11.17 12.49 16.31
N TYR C 20 -11.17 11.21 15.96
CA TYR C 20 -10.44 10.23 16.72
C TYR C 20 -9.02 10.67 17.01
N ILE C 21 -8.36 11.27 16.04
CA ILE C 21 -7.01 11.76 16.25
C ILE C 21 -7.00 12.88 17.32
N GLN C 22 -7.91 13.83 17.18
CA GLN C 22 -8.01 14.96 18.14
C GLN C 22 -8.26 14.46 19.52
N MET C 23 -9.25 13.62 19.61
CA MET C 23 -9.61 13.02 20.86
C MET C 23 -8.49 12.17 21.44
N CYS C 24 -7.72 11.49 20.60
CA CYS C 24 -6.57 10.82 21.17
C CYS C 24 -5.58 11.83 21.68
N THR C 25 -5.40 12.91 20.96
CA THR C 25 -4.45 13.93 21.39
C THR C 25 -4.82 14.55 22.76
N GLU C 26 -6.11 14.54 23.12
CA GLU C 26 -6.54 15.08 24.39
C GLU C 26 -6.15 14.10 25.47
N LEU C 27 -6.60 12.87 25.30
CA LEU C 27 -6.31 11.87 26.31
C LEU C 27 -4.81 11.63 26.43
N LYS C 28 -4.04 12.25 25.56
CA LYS C 28 -2.60 12.09 25.59
C LYS C 28 -2.25 10.62 25.52
N LEU C 29 -3.04 9.79 24.81
CA LEU C 29 -2.65 8.39 24.52
C LEU C 29 -1.48 8.20 23.55
N SER C 30 -0.88 7.01 23.59
CA SER C 30 0.23 6.66 22.71
C SER C 30 -0.29 6.07 21.41
N ASP C 31 0.64 5.73 20.51
CA ASP C 31 0.24 5.08 19.27
C ASP C 31 -0.33 3.72 19.56
N TYR C 32 0.36 2.92 20.36
CA TYR C 32 -0.17 1.61 20.67
C TYR C 32 -1.46 1.76 21.42
N GLU C 33 -1.58 2.82 22.18
CA GLU C 33 -2.75 2.98 23.01
C GLU C 33 -3.91 3.64 22.26
N GLY C 34 -3.68 4.05 21.02
CA GLY C 34 -4.75 4.63 20.23
C GLY C 34 -5.25 3.58 19.30
N ARG C 35 -4.51 2.48 19.23
CA ARG C 35 -4.90 1.39 18.33
C ARG C 35 -5.65 0.28 19.06
N LEU C 36 -5.94 0.58 20.33
CA LEU C 36 -6.58 -0.39 21.18
C LEU C 36 -8.08 -0.33 21.00
N ILE C 37 -8.60 -1.25 20.23
CA ILE C 37 -10.02 -1.23 19.97
C ILE C 37 -10.84 -0.90 21.17
N GLN C 38 -10.36 -1.27 22.35
CA GLN C 38 -11.00 -0.97 23.62
C GLN C 38 -11.18 0.57 23.75
N ASN C 39 -10.06 1.27 23.88
CA ASN C 39 -10.14 2.71 23.97
C ASN C 39 -10.93 3.27 22.83
N SER C 40 -10.77 2.79 21.60
CA SER C 40 -11.51 3.39 20.51
C SER C 40 -12.98 3.34 20.84
N LEU C 41 -13.48 2.18 21.20
CA LEU C 41 -14.90 2.02 21.54
C LEU C 41 -15.39 3.05 22.52
N THR C 42 -14.71 3.14 23.63
CA THR C 42 -15.06 4.07 24.66
C THR C 42 -15.25 5.45 24.04
N ILE C 43 -14.28 5.88 23.25
CA ILE C 43 -14.39 7.18 22.63
C ILE C 43 -15.64 7.30 21.75
N GLU C 44 -15.91 6.27 20.96
CA GLU C 44 -17.00 6.34 20.04
C GLU C 44 -18.30 6.52 20.78
N ARG C 45 -18.42 5.83 21.91
CA ARG C 45 -19.66 5.89 22.66
C ARG C 45 -19.82 7.23 23.40
N MET C 46 -18.72 7.75 23.99
CA MET C 46 -18.65 9.13 24.55
C MET C 46 -19.25 10.15 23.64
N VAL C 47 -19.24 9.84 22.36
CA VAL C 47 -19.61 10.87 21.43
C VAL C 47 -21.04 10.68 21.09
N LEU C 48 -21.44 9.46 20.80
CA LEU C 48 -22.80 9.20 20.43
C LEU C 48 -23.73 9.56 21.61
N SER C 49 -23.23 9.36 22.84
CA SER C 49 -23.96 9.73 24.04
C SER C 49 -24.14 11.25 24.05
N ALA C 50 -23.03 11.95 23.84
CA ALA C 50 -23.07 13.40 23.94
C ALA C 50 -23.94 14.01 22.84
N PHE C 51 -24.10 13.34 21.72
CA PHE C 51 -24.92 13.90 20.67
C PHE C 51 -26.32 13.30 20.70
N ASP C 52 -26.72 12.77 21.87
CA ASP C 52 -28.01 12.07 22.05
C ASP C 52 -28.29 11.60 23.49
N THR C 53 -20.10 13.13 29.48
CA THR C 53 -20.06 11.68 29.67
C THR C 53 -18.64 11.24 29.82
N GLY C 54 -18.47 9.98 30.22
CA GLY C 54 -17.14 9.46 30.54
C GLY C 54 -17.05 8.04 30.00
N GLY C 55 -16.01 7.32 30.40
CA GLY C 55 -15.87 5.95 29.97
C GLY C 55 -14.54 5.33 30.38
N PRO C 56 -14.39 4.02 30.11
CA PRO C 56 -13.23 3.23 30.49
C PRO C 56 -12.06 3.47 29.53
N ILE C 57 -10.93 3.87 30.06
CA ILE C 57 -9.78 4.14 29.20
C ILE C 57 -8.53 3.41 29.68
N TYR C 58 -8.05 2.47 28.88
CA TYR C 58 -6.91 1.67 29.27
C TYR C 58 -5.55 2.23 28.87
N ARG C 59 -4.63 2.19 29.83
CA ARG C 59 -3.33 2.79 29.67
C ARG C 59 -2.26 1.73 29.80
N ARG C 60 -1.08 2.00 29.22
CA ARG C 60 0.00 1.01 29.24
C ARG C 60 1.17 1.46 30.10
N VAL C 61 1.39 0.81 31.23
CA VAL C 61 2.60 1.08 32.03
C VAL C 61 3.55 -0.12 31.99
N ASP C 62 4.84 0.11 32.27
CA ASP C 62 5.83 -0.98 32.29
C ASP C 62 5.16 -2.31 32.61
N GLY C 63 4.97 -3.16 31.61
CA GLY C 63 4.42 -4.49 31.86
C GLY C 63 2.94 -4.66 31.76
N LYS C 64 2.18 -3.95 32.61
CA LYS C 64 0.73 -4.21 32.80
C LYS C 64 -0.20 -3.11 32.34
N TRP C 65 -1.48 -3.42 32.22
CA TRP C 65 -2.41 -2.43 31.67
C TRP C 65 -3.25 -1.76 32.73
N ARG C 66 -3.29 -0.44 32.72
CA ARG C 66 -4.03 0.28 33.76
C ARG C 66 -5.30 0.88 33.18
N ARG C 67 -6.44 0.54 33.80
CA ARG C 67 -7.73 1.06 33.37
C ARG C 67 -8.04 2.39 34.06
N GLU C 68 -8.24 3.46 33.31
CA GLU C 68 -8.67 4.74 33.89
C GLU C 68 -10.15 5.03 33.68
N LEU C 69 -10.81 5.45 34.74
CA LEU C 69 -12.21 5.78 34.62
C LEU C 69 -12.28 7.28 34.47
N ILE C 70 -12.66 7.80 33.30
CA ILE C 70 -12.63 9.27 33.10
C ILE C 70 -13.92 9.85 32.61
N LEU C 71 -14.03 11.17 32.75
CA LEU C 71 -15.24 11.92 32.35
C LEU C 71 -14.89 13.16 31.55
N TYR C 72 -15.70 13.51 30.56
CA TYR C 72 -15.46 14.70 29.71
C TYR C 72 -16.69 15.61 29.57
N ASP C 73 -16.47 16.90 29.37
CA ASP C 73 -17.58 17.79 29.20
C ASP C 73 -18.45 17.35 28.04
N LYS C 74 -19.63 16.84 28.34
CA LYS C 74 -20.50 16.40 27.23
C LYS C 74 -20.49 17.37 26.06
N GLU C 75 -20.26 18.66 26.32
CA GLU C 75 -20.33 19.65 25.24
C GLU C 75 -18.99 19.79 24.61
N GLU C 76 -17.96 19.75 25.46
CA GLU C 76 -16.65 19.75 24.89
C GLU C 76 -16.56 18.71 23.77
N ILE C 77 -17.14 17.52 24.02
CA ILE C 77 -17.08 16.41 23.04
C ILE C 77 -17.77 16.85 21.79
N ARG C 78 -18.92 17.46 21.96
CA ARG C 78 -19.69 17.91 20.82
C ARG C 78 -18.94 19.00 20.07
N ARG C 79 -18.13 19.75 20.81
CA ARG C 79 -17.38 20.82 20.20
C ARG C 79 -16.26 20.26 19.31
N ILE C 80 -15.49 19.34 19.90
CA ILE C 80 -14.38 18.74 19.20
C ILE C 80 -14.84 18.00 17.96
N TRP C 81 -16.00 17.33 18.07
CA TRP C 81 -16.59 16.62 16.97
C TRP C 81 -16.76 17.56 15.78
N ARG C 82 -17.50 18.66 15.94
CA ARG C 82 -17.82 19.53 14.80
C ARG C 82 -16.53 20.14 14.26
N GLN C 83 -15.64 20.53 15.16
CA GLN C 83 -14.38 21.03 14.72
C GLN C 83 -13.82 20.13 13.63
N ALA C 84 -13.93 18.80 13.83
CA ALA C 84 -13.36 17.85 12.87
C ALA C 84 -14.17 17.83 11.61
N ASN C 85 -15.49 17.84 11.72
CA ASN C 85 -16.37 17.92 10.52
C ASN C 85 -16.68 19.32 9.95
N ASN C 86 -15.76 20.26 10.11
CA ASN C 86 -16.04 21.61 9.64
C ASN C 86 -17.23 22.32 10.31
N GLY C 87 -17.45 22.02 11.58
CA GLY C 87 -18.57 22.64 12.25
C GLY C 87 -19.90 22.10 11.77
N ASP C 88 -19.85 21.03 10.97
CA ASP C 88 -21.04 20.33 10.57
C ASP C 88 -21.51 19.36 11.61
N ASP C 89 -22.67 18.76 11.38
CA ASP C 89 -23.22 17.81 12.33
C ASP C 89 -22.76 16.41 11.97
N ALA C 90 -22.73 16.20 10.64
CA ALA C 90 -22.36 14.96 10.03
C ALA C 90 -23.09 13.86 10.77
N THR C 91 -24.42 13.85 10.70
CA THR C 91 -25.19 12.80 11.39
C THR C 91 -24.74 11.47 10.83
N ALA C 92 -24.51 11.45 9.53
CA ALA C 92 -23.98 10.25 8.92
C ALA C 92 -22.83 9.67 9.74
N GLY C 93 -21.89 10.52 10.07
CA GLY C 93 -20.74 10.08 10.85
C GLY C 93 -21.07 9.40 12.16
N LEU C 94 -22.00 9.95 12.92
CA LEU C 94 -22.34 9.41 14.23
C LEU C 94 -23.10 8.11 13.97
N THR C 95 -23.91 8.14 12.93
CA THR C 95 -24.73 7.03 12.56
C THR C 95 -23.82 5.91 12.16
N HIS C 96 -22.65 6.25 11.59
CA HIS C 96 -21.70 5.23 11.12
C HIS C 96 -21.16 4.43 12.28
N MET C 97 -20.83 5.10 13.38
CA MET C 97 -20.27 4.43 14.52
C MET C 97 -21.43 3.84 15.22
N MET C 98 -22.62 4.34 14.87
CA MET C 98 -23.86 3.84 15.47
C MET C 98 -24.00 2.44 14.93
N ILE C 99 -23.57 2.20 13.71
CA ILE C 99 -23.67 0.87 13.12
C ILE C 99 -22.51 -0.07 13.49
N TRP C 100 -21.34 0.52 13.59
CA TRP C 100 -20.19 -0.29 13.86
C TRP C 100 -20.51 -0.97 15.17
N HIS C 101 -21.17 -0.25 16.05
CA HIS C 101 -21.51 -0.80 17.32
C HIS C 101 -22.54 -1.87 17.07
N SER C 102 -23.50 -1.54 16.22
CA SER C 102 -24.56 -2.50 15.95
C SER C 102 -23.98 -3.84 15.47
N ASN C 103 -23.19 -3.77 14.43
CA ASN C 103 -22.71 -4.95 13.80
C ASN C 103 -21.84 -5.81 14.70
N LEU C 104 -21.22 -5.15 15.70
CA LEU C 104 -20.45 -5.79 16.73
C LEU C 104 -21.38 -6.45 17.71
N ASN C 105 -22.57 -5.91 17.89
CA ASN C 105 -23.42 -6.45 18.93
C ASN C 105 -24.23 -7.60 18.35
N ASP C 106 -24.52 -7.51 17.07
CA ASP C 106 -25.25 -8.53 16.43
C ASP C 106 -24.37 -9.79 16.28
N ALA C 107 -23.09 -9.65 16.56
CA ALA C 107 -22.16 -10.78 16.48
C ALA C 107 -21.64 -11.24 17.82
N THR C 108 -21.53 -10.34 18.78
CA THR C 108 -21.02 -10.69 20.08
C THR C 108 -22.13 -11.38 20.85
N TYR C 109 -23.38 -10.93 20.63
CA TYR C 109 -24.54 -11.42 21.42
C TYR C 109 -25.71 -12.00 20.65
N GLN C 110 -26.45 -12.84 21.33
CA GLN C 110 -27.63 -13.41 20.76
C GLN C 110 -28.80 -12.91 21.56
N ARG C 111 -29.77 -12.34 20.86
CA ARG C 111 -30.81 -11.59 21.55
C ARG C 111 -32.11 -12.40 21.60
N THR C 112 -32.08 -13.45 22.44
CA THR C 112 -33.20 -14.38 22.49
C THR C 112 -34.22 -13.87 23.49
N ARG C 113 -33.71 -13.46 24.66
CA ARG C 113 -34.59 -12.98 25.75
C ARG C 113 -35.65 -12.02 25.22
N ALA C 114 -35.23 -11.14 24.32
CA ALA C 114 -36.09 -10.13 23.75
C ALA C 114 -37.05 -10.67 22.71
N LEU C 115 -36.61 -11.65 21.91
CA LEU C 115 -37.46 -12.14 20.79
C LEU C 115 -38.72 -12.85 21.33
N VAL C 116 -38.49 -13.67 22.35
CA VAL C 116 -39.50 -14.51 22.95
C VAL C 116 -40.50 -13.65 23.74
N ARG C 117 -39.92 -12.77 24.59
CA ARG C 117 -40.72 -11.81 25.34
C ARG C 117 -41.58 -10.95 24.38
N THR C 118 -41.13 -10.78 23.14
CA THR C 118 -41.95 -10.17 22.10
C THR C 118 -42.93 -11.16 21.48
N GLY C 119 -42.55 -12.43 21.40
CA GLY C 119 -43.47 -13.44 20.89
C GLY C 119 -43.05 -13.83 19.50
N MET C 120 -41.72 -13.80 19.32
CA MET C 120 -41.01 -14.20 18.09
C MET C 120 -40.23 -15.47 18.40
N ASP C 121 -40.06 -16.34 17.42
CA ASP C 121 -39.35 -17.57 17.70
C ASP C 121 -37.83 -17.32 17.84
N PRO C 122 -37.19 -17.81 18.94
CA PRO C 122 -35.75 -17.59 19.19
C PRO C 122 -34.89 -18.01 18.03
N ARG C 123 -35.35 -19.00 17.29
CA ARG C 123 -34.68 -19.38 16.08
C ARG C 123 -34.79 -18.41 14.93
N MET C 124 -35.23 -17.18 15.20
CA MET C 124 -35.32 -16.16 14.13
C MET C 124 -34.17 -15.17 14.21
N CYS C 125 -33.03 -15.65 14.72
CA CYS C 125 -31.75 -14.90 14.78
C CYS C 125 -31.37 -14.16 13.51
N SER C 126 -31.34 -14.86 12.38
CA SER C 126 -30.92 -14.31 11.08
C SER C 126 -31.77 -13.16 10.50
N LEU C 127 -32.76 -12.72 11.29
CA LEU C 127 -33.69 -11.71 10.87
C LEU C 127 -33.58 -10.55 11.84
N MET C 128 -32.79 -10.67 12.91
CA MET C 128 -32.66 -9.56 13.85
C MET C 128 -31.43 -8.65 13.63
N GLN C 129 -31.05 -8.44 12.37
CA GLN C 129 -29.95 -7.55 12.07
C GLN C 129 -30.17 -6.06 12.38
N GLY C 130 -29.58 -5.60 13.46
CA GLY C 130 -29.70 -4.21 13.80
C GLY C 130 -30.78 -4.04 14.86
N SER C 131 -31.15 -5.10 15.55
CA SER C 131 -32.09 -4.90 16.61
C SER C 131 -31.53 -3.95 17.69
N THR C 132 -30.21 -3.75 17.77
CA THR C 132 -29.62 -2.94 18.86
C THR C 132 -29.52 -1.48 18.44
N LEU C 133 -29.77 -1.30 17.15
CA LEU C 133 -29.45 -0.04 16.54
C LEU C 133 -30.48 1.00 16.93
N PRO C 134 -30.08 1.97 17.77
CA PRO C 134 -31.05 3.00 18.21
C PRO C 134 -31.91 3.55 17.04
N ARG C 135 -33.19 3.74 17.32
CA ARG C 135 -34.12 4.38 16.38
C ARG C 135 -33.59 5.70 15.80
N ARG C 136 -32.83 6.46 16.62
CA ARG C 136 -32.14 7.66 16.17
C ARG C 136 -31.34 7.43 14.86
N SER C 137 -30.95 6.18 14.59
CA SER C 137 -30.24 5.88 13.36
C SER C 137 -30.92 6.53 12.18
N GLY C 138 -30.13 6.87 11.18
CA GLY C 138 -30.68 7.53 10.02
C GLY C 138 -31.48 6.69 9.07
N ALA C 139 -31.80 7.28 7.94
CA ALA C 139 -32.58 6.60 6.95
C ALA C 139 -31.78 5.42 6.32
N ALA C 140 -30.46 5.57 6.21
CA ALA C 140 -29.61 4.59 5.54
C ALA C 140 -29.10 3.70 6.67
N GLY C 141 -29.50 4.10 7.89
CA GLY C 141 -29.32 3.29 9.08
C GLY C 141 -30.35 2.17 9.24
N ALA C 142 -31.58 2.38 8.80
CA ALA C 142 -32.59 1.39 8.95
C ALA C 142 -32.46 0.41 7.79
N ALA C 143 -32.01 0.86 6.63
CA ALA C 143 -31.88 -0.08 5.47
C ALA C 143 -31.02 -1.34 5.78
N VAL C 144 -30.24 -1.25 6.85
CA VAL C 144 -29.34 -2.31 7.21
C VAL C 144 -30.12 -3.31 8.04
N LYS C 145 -31.27 -2.88 8.58
CA LYS C 145 -32.13 -3.75 9.44
C LYS C 145 -32.72 -5.02 8.80
N GLY C 146 -32.69 -6.12 9.55
CA GLY C 146 -33.34 -7.34 9.07
C GLY C 146 -34.85 -7.27 9.22
N VAL C 147 -35.56 -8.07 8.43
CA VAL C 147 -37.03 -8.11 8.41
C VAL C 147 -37.57 -8.33 9.85
N GLY C 148 -36.98 -9.32 10.52
CA GLY C 148 -37.29 -9.63 11.88
C GLY C 148 -37.06 -8.43 12.76
N THR C 149 -36.19 -7.51 12.38
CA THR C 149 -35.87 -6.42 13.31
C THR C 149 -37.09 -5.51 13.42
N MET C 150 -37.73 -5.33 12.29
CA MET C 150 -38.79 -4.38 12.20
C MET C 150 -39.97 -4.87 13.00
N VAL C 151 -40.32 -6.13 12.77
CA VAL C 151 -41.37 -6.83 13.48
C VAL C 151 -41.28 -6.70 15.02
N MET C 152 -40.12 -6.86 15.63
CA MET C 152 -40.01 -6.77 17.06
C MET C 152 -40.46 -5.40 17.59
N GLU C 153 -40.36 -4.41 16.70
CA GLU C 153 -40.68 -3.00 17.03
C GLU C 153 -42.19 -2.74 16.99
N LEU C 154 -42.73 -2.81 15.78
CA LEU C 154 -44.15 -2.74 15.57
C LEU C 154 -44.91 -3.58 16.62
N ILE C 155 -44.55 -4.86 16.76
CA ILE C 155 -45.15 -5.72 17.79
C ILE C 155 -45.09 -5.10 19.19
N ARG C 156 -44.06 -4.33 19.53
CA ARG C 156 -44.05 -3.78 20.87
C ARG C 156 -44.83 -2.48 20.88
N MET C 157 -44.68 -1.74 19.79
CA MET C 157 -45.40 -0.47 19.62
C MET C 157 -46.89 -0.82 19.68
N ILE C 158 -47.31 -1.77 18.83
CA ILE C 158 -48.67 -2.34 18.87
C ILE C 158 -49.03 -3.00 20.20
N LYS C 159 -48.20 -3.90 20.74
CA LYS C 159 -48.56 -4.63 21.96
C LYS C 159 -48.90 -3.74 23.16
N ARG C 160 -48.12 -2.69 23.41
CA ARG C 160 -48.48 -1.81 24.51
C ARG C 160 -49.74 -0.94 24.26
N GLY C 161 -49.85 -0.42 23.02
CA GLY C 161 -51.01 0.38 22.54
C GLY C 161 -52.28 -0.43 22.53
N ILE C 162 -52.32 -1.48 21.70
CA ILE C 162 -53.45 -2.39 21.66
C ILE C 162 -53.61 -3.04 23.02
N ASN C 163 -52.73 -3.04 23.86
CA ASN C 163 -52.97 -3.54 25.22
C ASN C 163 -53.58 -2.39 25.99
N ARG C 164 -50.62 10.09 19.20
CA ARG C 164 -51.35 10.75 18.12
C ARG C 164 -50.64 10.62 16.79
N ARG C 165 -49.50 11.31 16.70
CA ARG C 165 -48.64 11.35 15.54
C ARG C 165 -48.00 9.98 15.32
N THR C 166 -48.06 9.14 16.35
CA THR C 166 -47.57 7.77 16.33
C THR C 166 -47.99 6.96 15.11
N ARG C 167 -49.01 7.42 14.40
CA ARG C 167 -49.53 6.73 13.20
C ARG C 167 -48.63 6.75 11.93
N ILE C 168 -48.16 7.93 11.54
CA ILE C 168 -47.26 8.08 10.38
C ILE C 168 -46.05 7.13 10.51
N ALA C 169 -45.59 6.95 11.76
CA ALA C 169 -44.53 5.99 12.08
C ALA C 169 -44.97 4.62 11.61
N TYR C 170 -46.06 4.11 12.19
CA TYR C 170 -46.51 2.76 11.94
C TYR C 170 -46.60 2.45 10.45
N GLU C 171 -47.23 3.32 9.67
CA GLU C 171 -47.38 3.09 8.23
C GLU C 171 -46.05 3.03 7.54
N ARG C 172 -45.21 4.02 7.82
CA ARG C 172 -43.87 4.04 7.26
C ARG C 172 -43.06 2.81 7.69
N MET C 173 -43.04 2.56 9.00
CA MET C 173 -42.34 1.42 9.55
C MET C 173 -42.76 0.22 8.76
N CYS C 174 -43.98 0.20 8.24
CA CYS C 174 -44.40 -0.95 7.43
C CYS C 174 -43.90 -0.82 6.00
N ASN C 175 -43.83 0.41 5.52
CA ASN C 175 -43.48 0.63 4.11
C ASN C 175 -42.08 0.17 3.89
N ILE C 176 -41.25 0.52 4.87
CA ILE C 176 -39.88 0.04 5.00
C ILE C 176 -39.91 -1.47 5.06
N LEU C 177 -40.70 -1.96 6.03
CA LEU C 177 -40.92 -3.37 6.22
C LEU C 177 -41.17 -3.94 4.85
N LYS C 178 -42.15 -3.36 4.13
CA LYS C 178 -42.59 -3.95 2.87
C LYS C 178 -41.50 -3.88 1.83
N GLY C 179 -40.68 -2.85 1.97
CA GLY C 179 -39.64 -2.63 0.98
C GLY C 179 -38.50 -3.61 1.18
N LYS C 180 -38.59 -4.41 2.25
CA LYS C 180 -37.64 -5.48 2.49
C LYS C 180 -38.02 -6.66 1.59
N PHE C 181 -39.31 -6.98 1.54
CA PHE C 181 -39.82 -8.05 0.70
C PHE C 181 -39.57 -7.76 -0.76
N GLN C 182 -39.29 -8.82 -1.51
CA GLN C 182 -39.04 -8.76 -2.94
C GLN C 182 -39.86 -9.77 -3.72
N THR C 183 -41.11 -10.00 -3.30
CA THR C 183 -42.05 -10.87 -4.04
C THR C 183 -43.48 -10.34 -3.92
N ALA C 184 -44.26 -10.50 -4.99
CA ALA C 184 -45.66 -10.09 -5.03
C ALA C 184 -46.36 -10.18 -3.65
N ALA C 185 -46.78 -11.41 -3.28
CA ALA C 185 -47.57 -11.69 -2.08
C ALA C 185 -46.97 -11.04 -0.83
N GLN C 186 -45.67 -11.29 -0.66
CA GLN C 186 -44.92 -10.74 0.44
C GLN C 186 -45.28 -9.27 0.51
N ARG C 187 -45.05 -8.60 -0.62
CA ARG C 187 -45.30 -7.17 -0.72
C ARG C 187 -46.78 -6.90 -0.40
N THR C 188 -47.69 -7.64 -1.03
CA THR C 188 -49.13 -7.37 -0.88
C THR C 188 -49.61 -7.60 0.54
N MET C 189 -49.06 -8.62 1.20
CA MET C 189 -49.59 -9.02 2.52
C MET C 189 -49.28 -8.01 3.64
N VAL C 190 -48.28 -7.19 3.34
CA VAL C 190 -47.77 -6.22 4.26
C VAL C 190 -48.78 -5.12 4.32
N ASP C 191 -49.34 -4.82 3.15
CA ASP C 191 -50.43 -3.84 3.00
C ASP C 191 -51.67 -4.29 3.79
N GLN C 192 -52.06 -5.55 3.61
CA GLN C 192 -53.20 -6.09 4.33
C GLN C 192 -53.02 -5.92 5.84
N VAL C 193 -51.77 -5.80 6.28
CA VAL C 193 -51.45 -5.54 7.69
C VAL C 193 -51.54 -4.07 8.08
N ARG C 194 -51.00 -3.22 7.21
CA ARG C 194 -51.00 -1.79 7.39
C ARG C 194 -52.41 -1.15 7.31
N GLU C 195 -53.43 -1.97 7.09
CA GLU C 195 -54.79 -1.46 6.95
C GLU C 195 -55.46 -1.06 8.28
N SER C 196 -55.12 -1.72 9.37
CA SER C 196 -55.80 -1.50 10.65
C SER C 196 -55.20 -0.39 11.54
N ARG C 197 -56.05 0.53 12.00
CA ARG C 197 -55.60 1.63 12.86
C ARG C 197 -55.15 1.08 14.19
N ASN C 198 -55.97 0.19 14.74
CA ASN C 198 -55.64 -0.43 16.01
C ASN C 198 -55.39 -1.91 15.74
N PRO C 199 -54.29 -2.25 15.04
CA PRO C 199 -54.03 -3.63 14.61
C PRO C 199 -53.81 -4.55 15.79
N GLY C 200 -54.75 -5.46 16.07
CA GLY C 200 -54.60 -6.31 17.25
C GLY C 200 -53.92 -7.60 16.88
N ASN C 201 -54.09 -8.62 17.72
CA ASN C 201 -53.61 -9.98 17.44
C ASN C 201 -53.80 -10.46 16.01
N ALA C 202 -54.77 -9.88 15.31
CA ALA C 202 -54.98 -10.12 13.88
C ALA C 202 -53.66 -9.92 13.12
N GLU C 203 -53.07 -8.75 13.37
CA GLU C 203 -51.79 -8.35 12.78
C GLU C 203 -50.68 -9.09 13.54
N PHE C 204 -50.64 -8.89 14.87
CA PHE C 204 -49.68 -9.55 15.79
C PHE C 204 -49.34 -10.96 15.28
N GLU C 205 -50.37 -11.78 15.07
CA GLU C 205 -50.15 -13.08 14.49
C GLU C 205 -49.71 -13.05 12.99
N ASP C 206 -50.20 -12.12 12.18
CA ASP C 206 -49.86 -12.20 10.75
C ASP C 206 -48.40 -11.84 10.36
N LEU C 207 -47.83 -10.82 11.03
CA LEU C 207 -46.51 -10.33 10.67
C LEU C 207 -45.50 -11.40 11.05
N ILE C 208 -45.76 -12.01 12.21
CA ILE C 208 -44.95 -13.12 12.70
C ILE C 208 -44.82 -14.16 11.61
N PHE C 209 -45.94 -14.40 10.92
CA PHE C 209 -45.96 -15.28 9.74
C PHE C 209 -44.91 -14.83 8.66
N LEU C 210 -45.14 -13.60 8.18
CA LEU C 210 -44.30 -12.91 7.22
C LEU C 210 -42.83 -12.92 7.73
N ALA C 211 -42.64 -12.79 9.05
CA ALA C 211 -41.31 -12.92 9.64
C ALA C 211 -40.66 -14.28 9.21
N ARG C 212 -41.47 -15.32 9.40
CA ARG C 212 -41.04 -16.64 9.03
C ARG C 212 -40.95 -16.84 7.52
N SER C 213 -41.68 -16.07 6.74
CA SER C 213 -41.62 -16.24 5.28
C SER C 213 -40.25 -15.82 4.75
N ALA C 214 -39.60 -14.93 5.48
CA ALA C 214 -38.34 -14.31 5.09
C ALA C 214 -37.17 -15.24 5.30
N LEU C 215 -37.43 -16.28 6.12
CA LEU C 215 -36.52 -17.38 6.43
C LEU C 215 -36.36 -18.18 5.20
N ILE C 216 -37.27 -18.03 4.26
CA ILE C 216 -37.20 -18.83 3.07
C ILE C 216 -37.13 -17.91 1.85
N LEU C 217 -38.02 -16.92 1.82
CA LEU C 217 -38.05 -15.90 0.76
C LEU C 217 -37.55 -14.65 1.46
N ARG C 218 -36.24 -14.49 1.40
CA ARG C 218 -35.60 -13.48 2.21
C ARG C 218 -35.96 -12.15 1.57
N GLY C 219 -35.66 -11.06 2.27
CA GLY C 219 -35.78 -9.72 1.71
C GLY C 219 -34.47 -9.05 1.36
N SER C 220 -34.58 -7.79 0.97
CA SER C 220 -33.42 -6.99 0.68
C SER C 220 -32.99 -6.28 1.96
N VAL C 221 -31.83 -6.67 2.47
CA VAL C 221 -31.22 -5.95 3.57
C VAL C 221 -29.77 -5.64 3.26
N ALA C 222 -29.50 -4.34 3.15
CA ALA C 222 -28.15 -3.80 3.02
C ALA C 222 -27.22 -4.17 4.19
N HIS C 223 -25.96 -4.43 3.84
CA HIS C 223 -24.87 -4.66 4.80
C HIS C 223 -23.81 -3.58 4.62
N LYS C 224 -23.38 -2.97 5.71
CA LYS C 224 -22.42 -1.85 5.70
C LYS C 224 -21.15 -2.24 6.49
N SER C 225 -20.00 -2.20 5.83
CA SER C 225 -18.73 -2.52 6.47
C SER C 225 -18.25 -1.34 7.31
N CYS C 226 -18.59 -1.32 8.57
CA CYS C 226 -18.24 -0.13 9.36
C CYS C 226 -17.15 -0.42 10.33
N LEU C 227 -15.95 0.12 10.12
CA LEU C 227 -14.78 -0.19 10.96
C LEU C 227 -14.73 0.71 12.16
N PRO C 228 -14.00 0.33 13.24
CA PRO C 228 -13.83 1.11 14.49
C PRO C 228 -13.21 2.44 14.22
N ALA C 229 -13.49 3.42 15.07
CA ALA C 229 -12.95 4.76 14.87
C ALA C 229 -11.42 4.78 14.68
N CYS C 230 -10.73 3.88 15.39
CA CYS C 230 -9.31 3.91 15.39
C CYS C 230 -8.77 3.62 13.98
N VAL C 231 -9.48 2.77 13.28
CA VAL C 231 -9.02 2.33 12.00
C VAL C 231 -9.06 3.51 11.06
N TYR C 232 -10.16 4.26 11.01
CA TYR C 232 -10.27 5.48 10.25
C TYR C 232 -9.33 6.57 10.77
N GLY C 233 -9.29 6.79 12.09
CA GLY C 233 -8.27 7.74 12.66
C GLY C 233 -6.86 7.46 12.21
N SER C 234 -6.46 6.22 12.32
CA SER C 234 -5.13 5.86 11.94
C SER C 234 -4.87 6.13 10.44
N ALA C 235 -5.86 5.80 9.61
CA ALA C 235 -5.81 5.97 8.18
C ALA C 235 -5.70 7.43 7.79
N VAL C 236 -6.49 8.27 8.45
CA VAL C 236 -6.49 9.69 8.18
C VAL C 236 -5.13 10.26 8.51
N ALA C 237 -4.59 9.81 9.63
CA ALA C 237 -3.30 10.23 10.14
C ALA C 237 -2.17 9.81 9.22
N SER C 238 -2.35 8.68 8.55
CA SER C 238 -1.38 8.15 7.59
C SER C 238 -1.47 8.84 6.25
N GLY C 239 -2.20 9.94 6.18
CA GLY C 239 -2.22 10.61 4.95
C GLY C 239 -3.46 10.36 4.14
N TYR C 240 -4.14 9.21 4.29
CA TYR C 240 -5.30 8.94 3.41
C TYR C 240 -6.28 9.99 3.52
N ASP C 241 -6.60 10.58 2.39
CA ASP C 241 -7.51 11.71 2.33
C ASP C 241 -8.77 11.30 1.57
N PHE C 242 -9.63 10.53 2.22
CA PHE C 242 -10.74 9.81 1.59
C PHE C 242 -11.69 10.63 0.77
N GLU C 243 -12.18 11.74 1.32
CA GLU C 243 -13.00 12.64 0.46
C GLU C 243 -12.41 12.92 -0.94
N ARG C 244 -11.11 12.89 -1.10
CA ARG C 244 -10.49 13.13 -2.37
C ARG C 244 -10.29 11.83 -3.09
N GLU C 245 -9.87 10.79 -2.39
CA GLU C 245 -9.60 9.49 -3.01
C GLU C 245 -10.82 8.56 -2.99
N GLY C 246 -11.91 8.97 -2.40
CA GLY C 246 -13.09 8.14 -2.46
C GLY C 246 -13.01 6.95 -1.49
N TYR C 247 -14.17 6.55 -1.01
CA TYR C 247 -14.28 5.43 -0.10
C TYR C 247 -15.68 4.77 -0.21
N SER C 248 -15.81 3.45 0.10
CA SER C 248 -17.13 2.77 0.13
C SER C 248 -17.31 2.00 1.40
N LEU C 249 -18.55 1.58 1.65
CA LEU C 249 -18.87 0.68 2.76
C LEU C 249 -19.35 -0.67 2.23
N VAL C 250 -19.45 -0.81 0.89
CA VAL C 250 -19.94 -2.07 0.33
C VAL C 250 -19.02 -2.49 -0.85
N GLY C 251 -17.90 -1.77 -0.99
CA GLY C 251 -16.93 -2.15 -2.01
C GLY C 251 -15.68 -2.80 -1.50
N ILE C 252 -14.60 -2.57 -2.23
CA ILE C 252 -13.28 -3.10 -1.82
C ILE C 252 -12.57 -2.18 -0.82
N ASP C 253 -13.10 -0.96 -0.65
CA ASP C 253 -12.43 0.05 0.15
C ASP C 253 -12.23 -0.49 1.58
N PRO C 254 -13.32 -0.95 2.19
CA PRO C 254 -13.22 -1.34 3.58
C PRO C 254 -12.30 -2.52 3.73
N PHE C 255 -12.43 -3.55 2.92
CA PHE C 255 -11.47 -4.63 3.07
C PHE C 255 -10.03 -4.13 2.92
N ARG C 256 -9.76 -3.32 1.90
CA ARG C 256 -8.39 -2.87 1.65
C ARG C 256 -7.82 -2.11 2.86
N LEU C 257 -8.65 -1.23 3.43
CA LEU C 257 -8.25 -0.51 4.60
C LEU C 257 -7.88 -1.49 5.70
N LEU C 258 -8.70 -2.50 5.95
CA LEU C 258 -8.41 -3.48 6.99
C LEU C 258 -7.23 -4.37 6.62
N GLN C 259 -6.65 -4.21 5.44
CA GLN C 259 -5.53 -5.08 5.06
C GLN C 259 -4.23 -4.52 5.63
N ASN C 260 -4.32 -3.32 6.21
CA ASN C 260 -3.14 -2.64 6.78
C ASN C 260 -3.34 -2.09 8.18
N SER C 261 -4.49 -2.38 8.75
CA SER C 261 -4.85 -1.83 10.02
C SER C 261 -4.03 -2.51 11.10
N GLN C 262 -3.64 -1.77 12.11
CA GLN C 262 -2.84 -2.34 13.19
C GLN C 262 -3.70 -2.22 14.44
N VAL C 263 -4.76 -3.01 14.54
CA VAL C 263 -5.63 -2.86 15.67
C VAL C 263 -5.28 -3.84 16.77
N TYR C 264 -5.16 -3.32 17.99
CA TYR C 264 -4.93 -4.18 19.14
C TYR C 264 -6.14 -4.30 20.04
N SER C 265 -6.20 -5.41 20.77
CA SER C 265 -7.32 -5.65 21.67
C SER C 265 -6.99 -6.27 23.01
N LEU C 266 -7.67 -5.84 24.07
CA LEU C 266 -7.50 -6.47 25.38
C LEU C 266 -8.08 -7.84 25.34
N ILE C 267 -7.36 -8.75 25.98
CA ILE C 267 -7.72 -10.16 25.92
C ILE C 267 -7.56 -10.84 27.27
N ARG C 268 -8.67 -11.39 27.75
CA ARG C 268 -8.67 -12.12 29.02
C ARG C 268 -7.75 -13.36 29.05
N PRO C 269 -7.22 -13.75 30.25
CA PRO C 269 -6.18 -14.80 30.45
C PRO C 269 -6.42 -16.11 29.71
N ASN C 270 -7.63 -16.63 29.81
CA ASN C 270 -7.89 -17.87 29.11
C ASN C 270 -8.45 -17.79 27.68
N GLU C 271 -8.54 -16.60 27.10
CA GLU C 271 -9.22 -16.44 25.81
C GLU C 271 -8.27 -16.70 24.66
N ASN C 272 -8.84 -17.06 23.50
CA ASN C 272 -8.06 -17.40 22.36
C ASN C 272 -7.96 -16.22 21.46
N PRO C 273 -6.74 -15.70 21.22
CA PRO C 273 -6.55 -14.55 20.32
C PRO C 273 -7.22 -14.73 18.93
N ALA C 274 -6.96 -15.89 18.35
CA ALA C 274 -7.39 -16.16 17.00
C ALA C 274 -8.90 -16.05 16.94
N HIS C 275 -9.49 -16.38 18.09
CA HIS C 275 -10.93 -16.45 18.24
C HIS C 275 -11.42 -15.02 18.39
N LYS C 276 -10.61 -14.20 19.07
CA LYS C 276 -10.97 -12.79 19.29
C LYS C 276 -11.03 -12.03 17.97
N SER C 277 -9.96 -12.15 17.18
CA SER C 277 -9.89 -11.53 15.88
C SER C 277 -11.11 -11.91 15.03
N GLN C 278 -11.48 -13.20 15.08
CA GLN C 278 -12.58 -13.63 14.28
C GLN C 278 -13.77 -12.73 14.53
N LEU C 279 -14.14 -12.63 15.82
CA LEU C 279 -15.29 -11.82 16.27
C LEU C 279 -15.30 -10.45 15.62
N VAL C 280 -14.36 -9.59 16.03
CA VAL C 280 -14.17 -8.27 15.36
C VAL C 280 -14.29 -8.28 13.84
N TRP C 281 -13.65 -9.25 13.20
CA TRP C 281 -13.73 -9.34 11.75
C TRP C 281 -15.17 -9.50 11.28
N MET C 282 -16.00 -10.19 12.05
CA MET C 282 -17.36 -10.45 11.59
C MET C 282 -18.21 -9.24 11.82
N ALA C 283 -17.83 -8.44 12.84
CA ALA C 283 -18.49 -7.15 13.06
C ALA C 283 -18.05 -6.12 12.05
N CYS C 284 -16.87 -6.27 11.48
CA CYS C 284 -16.51 -5.31 10.46
C CYS C 284 -17.27 -5.42 9.13
N HIS C 285 -17.92 -6.56 8.93
CA HIS C 285 -18.73 -6.66 7.75
C HIS C 285 -20.22 -7.11 7.93
N SER C 286 -20.72 -7.21 9.16
CA SER C 286 -22.13 -7.61 9.33
C SER C 286 -22.24 -9.06 8.78
N ALA C 287 -21.31 -9.91 9.25
CA ALA C 287 -21.26 -11.29 8.81
C ALA C 287 -21.65 -12.13 9.99
N ALA C 288 -22.55 -11.63 10.84
CA ALA C 288 -22.92 -12.42 12.05
C ALA C 288 -23.99 -13.38 11.72
N PHE C 289 -24.57 -13.33 10.52
CA PHE C 289 -25.66 -14.22 10.21
C PHE C 289 -25.36 -14.73 8.85
N GLU C 290 -24.09 -14.67 8.45
CA GLU C 290 -23.75 -15.12 7.12
C GLU C 290 -23.50 -16.64 7.18
N ASP C 291 -23.45 -17.31 6.04
CA ASP C 291 -23.18 -18.73 6.04
C ASP C 291 -21.70 -18.95 6.40
N LEU C 292 -21.41 -19.62 7.54
CA LEU C 292 -20.04 -19.75 8.02
C LEU C 292 -19.14 -20.20 6.90
N ARG C 293 -19.67 -21.06 6.02
CA ARG C 293 -18.90 -21.60 4.90
C ARG C 293 -18.30 -20.51 4.08
N VAL C 294 -19.14 -19.57 3.66
CA VAL C 294 -18.69 -18.46 2.83
C VAL C 294 -17.79 -17.49 3.61
N SER C 295 -18.20 -17.12 4.85
CA SER C 295 -17.39 -16.30 5.71
C SER C 295 -15.97 -16.84 5.79
N SER C 296 -15.80 -18.14 6.00
CA SER C 296 -14.47 -18.72 6.09
C SER C 296 -13.77 -18.70 4.76
N PHE C 297 -14.57 -18.74 3.70
CA PHE C 297 -14.02 -18.88 2.39
C PHE C 297 -13.32 -17.58 2.10
N ILE C 298 -14.04 -16.49 2.27
CA ILE C 298 -13.56 -15.16 2.00
C ILE C 298 -12.49 -14.73 3.05
N ARG C 299 -12.77 -15.12 4.30
CA ARG C 299 -11.89 -14.83 5.41
C ARG C 299 -10.50 -15.33 5.16
N GLY C 300 -10.40 -16.56 4.68
CA GLY C 300 -9.09 -17.08 4.43
C GLY C 300 -8.73 -18.18 5.40
N THR C 301 -9.46 -18.20 6.52
CA THR C 301 -9.26 -19.15 7.61
C THR C 301 -10.55 -19.58 8.29
N LYS C 302 -10.49 -20.64 9.07
CA LYS C 302 -11.71 -21.06 9.76
C LYS C 302 -12.52 -19.93 10.46
N VAL C 303 -13.82 -19.94 10.24
CA VAL C 303 -14.69 -19.03 10.89
C VAL C 303 -15.55 -19.87 11.81
N VAL C 304 -15.04 -20.02 13.01
CA VAL C 304 -15.67 -20.91 13.95
C VAL C 304 -17.00 -20.36 14.50
N PRO C 305 -18.00 -21.23 14.74
CA PRO C 305 -19.31 -20.91 15.31
C PRO C 305 -19.24 -20.26 16.65
N ARG C 306 -20.33 -19.59 17.03
CA ARG C 306 -20.35 -18.78 18.25
C ARG C 306 -20.09 -19.65 19.45
N GLY C 307 -20.80 -20.77 19.56
CA GLY C 307 -20.57 -21.63 20.73
C GLY C 307 -19.11 -22.02 20.97
N LYS C 308 -18.43 -22.42 19.91
CA LYS C 308 -17.07 -22.85 20.00
C LYS C 308 -16.12 -21.71 20.08
N LEU C 309 -16.65 -20.48 20.09
CA LEU C 309 -15.83 -19.31 20.18
C LEU C 309 -15.43 -19.00 21.58
N SER C 310 -14.12 -18.84 21.76
CA SER C 310 -13.58 -18.49 23.06
C SER C 310 -13.48 -17.00 23.40
N THR C 311 -14.60 -16.41 23.81
CA THR C 311 -14.60 -15.02 24.21
C THR C 311 -16.01 -14.62 24.64
N ARG C 312 -16.05 -13.60 25.50
CA ARG C 312 -17.29 -13.24 26.17
C ARG C 312 -17.70 -11.86 25.67
N GLY C 313 -16.74 -11.12 25.12
CA GLY C 313 -17.08 -9.80 24.68
C GLY C 313 -15.85 -8.98 24.65
N VAL C 314 -15.86 -8.00 23.77
CA VAL C 314 -14.66 -7.24 23.51
C VAL C 314 -14.43 -6.16 24.57
N GLN C 315 -15.53 -5.62 25.11
CA GLN C 315 -15.45 -4.59 26.15
C GLN C 315 -15.15 -5.26 27.45
N ILE C 316 -14.42 -4.54 28.26
CA ILE C 316 -14.01 -5.06 29.53
C ILE C 316 -14.94 -4.50 30.62
N ALA C 317 -15.51 -5.40 31.41
CA ALA C 317 -16.41 -5.00 32.46
C ALA C 317 -15.66 -4.52 33.69
N SER C 318 -16.32 -3.63 34.46
CA SER C 318 -15.77 -3.07 35.74
C SER C 318 -15.43 -4.14 36.79
N ASN C 319 -15.98 -5.31 36.59
CA ASN C 319 -15.85 -6.41 37.47
C ASN C 319 -14.43 -6.94 37.44
N GLU C 320 -13.87 -7.01 36.23
CA GLU C 320 -12.64 -7.74 36.01
C GLU C 320 -11.48 -7.02 36.56
N ASN C 321 -10.31 -7.62 36.58
CA ASN C 321 -9.18 -6.91 37.12
C ASN C 321 -8.16 -6.81 36.05
N MET C 322 -7.24 -5.88 36.20
CA MET C 322 -6.21 -5.69 35.20
C MET C 322 -4.96 -6.56 35.41
N GLU C 323 -4.80 -7.12 36.62
CA GLU C 323 -3.57 -7.79 36.93
C GLU C 323 -3.46 -8.91 35.93
N THR C 324 -4.55 -9.68 35.79
CA THR C 324 -4.54 -10.83 34.92
C THR C 324 -5.09 -10.48 33.56
N MET C 325 -4.55 -9.43 32.96
CA MET C 325 -5.08 -8.97 31.68
C MET C 325 -3.92 -8.66 30.75
N GLU C 326 -4.05 -9.03 29.48
CA GLU C 326 -3.02 -8.75 28.50
C GLU C 326 -3.71 -8.45 27.16
N SER C 327 -2.94 -8.20 26.11
CA SER C 327 -3.53 -7.70 24.88
C SER C 327 -2.89 -8.32 23.64
N SER C 328 -3.69 -8.63 22.61
CA SER C 328 -3.16 -9.19 21.41
C SER C 328 -3.45 -8.35 20.16
N THR C 329 -2.79 -8.68 19.07
CA THR C 329 -2.94 -7.95 17.83
C THR C 329 -3.97 -8.71 16.99
N LEU C 330 -5.02 -7.96 16.62
CA LEU C 330 -6.20 -8.53 15.98
C LEU C 330 -5.89 -8.84 14.53
N GLU C 331 -6.21 -10.05 14.10
CA GLU C 331 -6.04 -10.45 12.70
C GLU C 331 -7.31 -10.08 11.91
N LEU C 332 -7.24 -8.96 11.17
CA LEU C 332 -8.42 -8.49 10.41
C LEU C 332 -8.34 -8.62 8.89
N ARG C 333 -7.16 -9.02 8.40
CA ARG C 333 -6.95 -9.27 7.00
C ARG C 333 -7.90 -10.37 6.50
N SER C 334 -8.27 -10.34 5.22
CA SER C 334 -9.09 -11.37 4.63
C SER C 334 -8.46 -11.88 3.35
N ARG C 335 -8.93 -13.03 2.88
CA ARG C 335 -8.35 -13.63 1.69
C ARG C 335 -8.86 -12.88 0.45
N TYR C 336 -10.15 -12.96 0.22
CA TYR C 336 -10.75 -12.23 -0.88
C TYR C 336 -11.70 -11.19 -0.29
N TRP C 337 -12.49 -10.57 -1.18
CA TRP C 337 -13.55 -9.67 -0.81
C TRP C 337 -14.74 -9.88 -1.69
N ALA C 338 -15.88 -9.38 -1.23
CA ALA C 338 -17.13 -9.55 -1.94
C ALA C 338 -18.10 -8.37 -1.84
N ILE C 339 -18.85 -8.12 -2.91
CA ILE C 339 -19.70 -6.95 -2.86
C ILE C 339 -20.74 -7.12 -1.75
N ARG C 340 -20.60 -6.48 -0.59
CA ARG C 340 -21.63 -6.68 0.45
C ARG C 340 -22.97 -6.37 -0.24
N THR C 341 -23.88 -7.36 -0.35
CA THR C 341 -25.20 -7.13 -1.03
C THR C 341 -26.33 -6.70 -0.12
N ARG C 342 -27.51 -6.52 -0.75
CA ARG C 342 -28.72 -6.15 -0.05
C ARG C 342 -29.81 -7.18 -0.28
N SER C 343 -29.86 -7.69 -1.51
CA SER C 343 -30.73 -8.78 -1.95
C SER C 343 -30.75 -10.04 -1.08
N GLY C 344 -31.94 -10.59 -0.83
CA GLY C 344 -32.06 -11.89 -0.19
C GLY C 344 -32.07 -13.11 -1.12
N GLY C 345 -31.79 -12.95 -2.45
CA GLY C 345 -31.99 -14.06 -3.45
C GLY C 345 -33.44 -14.48 -3.73
N ASN C 346 -33.71 -14.99 -4.94
CA ASN C 346 -35.01 -15.63 -5.21
C ASN C 346 -34.99 -16.64 -6.42
N THR C 347 -35.90 -17.62 -6.40
CA THR C 347 -36.05 -18.54 -7.54
C THR C 347 -37.46 -18.48 -8.16
N SER C 348 -57.48 -15.09 -2.01
CA SER C 348 -58.06 -15.85 -0.86
C SER C 348 -57.39 -15.40 0.44
N ASP C 349 -56.54 -16.27 0.99
CA ASP C 349 -55.68 -15.85 2.10
C ASP C 349 -54.32 -15.60 1.48
N MET C 350 -53.81 -14.37 1.58
CA MET C 350 -52.49 -14.11 0.97
C MET C 350 -51.39 -15.00 1.60
N ARG C 351 -51.71 -15.53 2.80
CA ARG C 351 -50.86 -16.50 3.46
C ARG C 351 -50.60 -17.66 2.53
N THR C 352 -51.67 -18.23 2.04
CA THR C 352 -51.65 -19.36 1.11
C THR C 352 -50.65 -19.11 -0.01
N GLU C 353 -50.76 -17.94 -0.64
CA GLU C 353 -49.89 -17.61 -1.74
C GLU C 353 -48.43 -17.87 -1.32
N ILE C 354 -48.05 -17.31 -0.17
CA ILE C 354 -46.69 -17.42 0.35
C ILE C 354 -46.35 -18.86 0.72
N ILE C 355 -47.21 -19.46 1.54
CA ILE C 355 -47.00 -20.84 1.96
C ILE C 355 -46.73 -21.71 0.74
N ARG C 356 -47.41 -21.43 -0.35
CA ARG C 356 -47.24 -22.14 -1.61
C ARG C 356 -45.86 -21.82 -2.21
N LEU C 357 -45.39 -20.60 -1.97
CA LEU C 357 -44.10 -20.20 -2.51
C LEU C 357 -43.02 -20.77 -1.63
N MET C 358 -43.07 -20.41 -0.32
CA MET C 358 -42.31 -21.17 0.70
C MET C 358 -41.94 -22.65 0.32
N GLU C 359 -42.97 -23.47 0.07
CA GLU C 359 -42.85 -24.85 -0.36
C GLU C 359 -41.84 -25.17 -1.48
N SER C 360 -42.01 -24.54 -2.64
CA SER C 360 -41.20 -24.93 -3.80
C SER C 360 -39.74 -24.62 -3.57
N ALA C 361 -39.48 -23.96 -2.45
CA ALA C 361 -38.14 -23.49 -2.11
C ALA C 361 -37.26 -24.56 -1.45
N ARG C 362 -36.11 -24.84 -2.08
CA ARG C 362 -35.12 -25.76 -1.51
C ARG C 362 -33.84 -25.05 -0.98
N PRO C 363 -33.32 -25.53 0.15
CA PRO C 363 -32.19 -24.87 0.76
C PRO C 363 -31.05 -24.88 -0.19
N GLU C 364 -31.01 -25.88 -1.06
CA GLU C 364 -29.94 -25.99 -2.09
C GLU C 364 -30.07 -24.99 -3.22
N ASP C 365 -31.20 -24.27 -3.26
CA ASP C 365 -31.50 -23.28 -4.31
C ASP C 365 -30.45 -22.20 -4.42
N VAL C 366 -29.72 -22.21 -5.52
CA VAL C 366 -28.60 -21.31 -5.73
C VAL C 366 -29.05 -19.87 -5.83
N SER C 367 -28.45 -18.95 -5.05
CA SER C 367 -28.68 -17.48 -5.21
C SER C 367 -27.47 -16.68 -5.77
N PHE C 368 -27.69 -15.42 -6.15
CA PHE C 368 -26.63 -14.58 -6.69
C PHE C 368 -25.89 -15.31 -7.80
N GLN C 369 -26.68 -15.90 -8.70
CA GLN C 369 -26.15 -16.70 -9.82
C GLN C 369 -25.08 -15.88 -10.57
N GLY C 370 -23.92 -16.46 -10.85
CA GLY C 370 -22.87 -15.70 -11.52
C GLY C 370 -21.99 -14.75 -10.68
N ARG C 371 -22.55 -14.19 -9.57
CA ARG C 371 -21.81 -13.33 -8.62
C ARG C 371 -20.73 -14.14 -7.96
N GLY C 372 -19.55 -13.54 -7.75
CA GLY C 372 -18.43 -14.26 -7.14
C GLY C 372 -17.64 -13.41 -6.15
N VAL C 373 -16.39 -13.82 -5.94
CA VAL C 373 -15.56 -13.15 -4.93
C VAL C 373 -14.42 -12.51 -5.67
N PHE C 374 -13.87 -11.46 -5.11
CA PHE C 374 -12.80 -10.81 -5.82
C PHE C 374 -11.51 -10.86 -5.05
N GLU C 375 -10.41 -10.99 -5.79
CA GLU C 375 -9.09 -10.89 -5.21
C GLU C 375 -8.93 -9.47 -4.67
N LEU C 376 -7.98 -9.33 -3.73
CA LEU C 376 -7.74 -8.04 -3.15
C LEU C 376 -6.93 -7.14 -4.06
N SER C 377 -6.34 -7.71 -5.14
CA SER C 377 -5.70 -6.91 -6.16
C SER C 377 -6.76 -6.33 -7.13
N ASP C 378 -7.86 -7.04 -7.32
CA ASP C 378 -8.88 -6.69 -8.29
C ASP C 378 -9.68 -5.51 -7.83
N GLU C 379 -9.10 -4.35 -8.04
CA GLU C 379 -9.67 -3.11 -7.49
C GLU C 379 -11.02 -2.82 -8.05
N LYS C 380 -11.04 -2.88 -9.39
CA LYS C 380 -12.24 -2.79 -10.20
C LYS C 380 -13.01 -4.08 -9.97
N ALA C 381 -14.29 -4.09 -10.31
CA ALA C 381 -15.01 -5.36 -10.14
C ALA C 381 -14.82 -6.33 -11.33
N THR C 382 -13.71 -6.17 -12.02
CA THR C 382 -13.41 -6.88 -13.23
C THR C 382 -13.67 -8.35 -13.21
N SER C 383 -12.72 -9.13 -12.71
CA SER C 383 -12.85 -10.60 -12.75
C SER C 383 -13.35 -11.27 -11.46
N PRO C 384 -14.50 -11.93 -11.53
CA PRO C 384 -15.19 -12.59 -10.39
C PRO C 384 -14.70 -14.01 -10.20
N ILE C 385 -14.87 -14.58 -9.00
CA ILE C 385 -14.40 -15.93 -8.74
C ILE C 385 -15.50 -16.67 -8.09
N VAL C 386 -15.81 -17.84 -8.63
CA VAL C 386 -16.91 -18.63 -8.10
C VAL C 386 -16.41 -19.72 -7.15
N PRO C 387 -16.91 -19.71 -5.91
CA PRO C 387 -16.52 -20.69 -4.92
C PRO C 387 -17.27 -21.99 -5.03
N SER C 388 -16.55 -23.07 -4.80
CA SER C 388 -17.13 -24.38 -4.88
C SER C 388 -17.01 -24.92 -3.45
N PHE C 389 -18.14 -25.17 -2.81
CA PHE C 389 -18.14 -25.64 -1.40
C PHE C 389 -17.99 -27.15 -1.13
N ASP C 390 -17.77 -27.95 -2.18
CA ASP C 390 -17.50 -29.36 -1.99
C ASP C 390 -16.26 -29.34 -1.10
N MET C 391 -16.43 -29.67 0.17
CA MET C 391 -15.33 -29.45 1.14
C MET C 391 -15.67 -29.88 2.56
N SER C 392 -14.67 -30.11 3.40
CA SER C 392 -14.97 -30.49 4.77
C SER C 392 -15.15 -29.21 5.49
N ASN C 393 -16.40 -28.74 5.53
CA ASN C 393 -16.73 -27.44 6.12
C ASN C 393 -16.87 -27.57 7.63
N GLU C 394 -17.46 -26.57 8.27
CA GLU C 394 -17.62 -26.59 9.72
C GLU C 394 -18.99 -25.98 10.15
N GLY C 395 -20.05 -26.26 9.40
CA GLY C 395 -21.32 -25.61 9.72
C GLY C 395 -21.69 -24.45 8.81
N SER C 396 -22.88 -23.90 9.04
CA SER C 396 -23.34 -22.75 8.31
C SER C 396 -23.97 -21.71 9.24
N TYR C 397 -24.38 -22.09 10.42
CA TYR C 397 -25.07 -21.20 11.32
C TYR C 397 -24.20 -20.69 12.47
N PHE C 398 -23.59 -19.51 12.33
CA PHE C 398 -22.85 -18.93 13.44
C PHE C 398 -23.53 -19.12 14.79
N PHE C 399 -24.87 -19.17 14.82
CA PHE C 399 -25.57 -19.33 16.08
C PHE C 399 -26.32 -20.69 16.23
N SER D 1 -33.77 -26.61 20.68
CA SER D 1 -33.12 -25.86 19.58
C SER D 1 -32.39 -24.61 20.06
N SER D 2 -33.12 -23.48 20.09
CA SER D 2 -32.60 -22.15 20.41
C SER D 2 -31.47 -21.67 19.45
N GLY D 3 -31.41 -22.17 18.23
CA GLY D 3 -30.26 -21.80 17.40
C GLY D 3 -30.72 -21.13 16.15
N GLN D 4 -29.83 -20.87 15.21
CA GLN D 4 -30.26 -20.37 13.91
C GLN D 4 -31.05 -21.41 13.07
N ILE D 5 -31.66 -20.98 11.95
CA ILE D 5 -32.50 -21.84 11.09
C ILE D 5 -32.36 -21.44 9.61
N SER D 6 -31.89 -20.22 9.41
CA SER D 6 -31.65 -19.70 8.08
C SER D 6 -30.39 -18.84 8.13
N ILE D 7 -29.80 -18.62 6.97
CA ILE D 7 -28.65 -17.77 6.84
C ILE D 7 -28.99 -16.45 6.16
N GLN D 8 -28.66 -15.32 6.82
CA GLN D 8 -28.81 -13.97 6.22
C GLN D 8 -27.62 -13.68 5.31
N PRO D 9 -27.84 -13.41 4.04
CA PRO D 9 -26.66 -13.28 3.16
C PRO D 9 -25.98 -11.91 3.25
N THR D 10 -24.64 -11.90 3.36
CA THR D 10 -23.93 -10.64 3.53
C THR D 10 -23.17 -10.35 2.28
N PHE D 11 -22.92 -11.32 1.43
CA PHE D 11 -22.15 -11.00 0.23
C PHE D 11 -22.80 -11.50 -1.07
N SER D 12 -22.30 -11.00 -2.17
CA SER D 12 -22.88 -11.34 -3.44
C SER D 12 -22.03 -12.47 -4.03
N VAL D 13 -22.44 -13.72 -3.81
CA VAL D 13 -21.73 -14.85 -4.41
C VAL D 13 -22.68 -16.01 -4.73
N GLN D 14 -22.25 -16.91 -5.62
CA GLN D 14 -23.01 -18.11 -5.91
C GLN D 14 -23.05 -19.07 -4.71
N ARG D 15 -24.15 -18.96 -3.97
CA ARG D 15 -24.32 -19.72 -2.74
C ARG D 15 -25.72 -20.22 -2.47
N ASN D 16 -25.82 -21.54 -2.34
CA ASN D 16 -27.07 -22.15 -1.89
C ASN D 16 -27.43 -21.54 -0.55
N LEU D 17 -28.58 -20.88 -0.44
CA LEU D 17 -28.84 -20.29 0.84
C LEU D 17 -29.52 -21.23 1.82
N PRO D 18 -28.84 -21.62 2.92
CA PRO D 18 -29.40 -22.55 3.94
C PRO D 18 -30.55 -22.10 4.80
N PHE D 19 -31.52 -23.00 4.91
CA PHE D 19 -32.68 -22.88 5.81
C PHE D 19 -33.12 -24.28 6.16
N ASP D 20 -33.52 -24.47 7.41
CA ASP D 20 -34.01 -25.77 7.83
C ASP D 20 -35.48 -26.04 7.40
N ARG D 21 -35.66 -26.59 6.20
CA ARG D 21 -37.02 -26.84 5.64
C ARG D 21 -38.08 -27.28 6.68
N PRO D 22 -37.79 -28.32 7.48
CA PRO D 22 -38.71 -28.81 8.49
C PRO D 22 -39.06 -27.75 9.49
N THR D 23 -38.36 -27.71 10.61
CA THR D 23 -38.74 -26.84 11.72
C THR D 23 -39.47 -25.55 11.31
N ILE D 24 -39.06 -24.94 10.18
CA ILE D 24 -39.71 -23.73 9.66
C ILE D 24 -41.15 -24.07 9.30
N MET D 25 -41.34 -24.79 8.19
CA MET D 25 -42.67 -25.12 7.72
C MET D 25 -43.45 -26.08 8.66
N ALA D 26 -42.80 -26.55 9.69
CA ALA D 26 -43.43 -27.37 10.72
C ALA D 26 -44.36 -26.56 11.63
N ALA D 27 -44.89 -25.43 11.14
CA ALA D 27 -45.80 -24.55 11.96
C ALA D 27 -46.89 -23.82 11.14
#